data_2D24
#
_entry.id   2D24
#
_cell.length_a   75.704
_cell.length_b   94.090
_cell.length_c   138.366
_cell.angle_alpha   90.00
_cell.angle_beta   90.00
_cell.angle_gamma   90.00
#
_symmetry.space_group_name_H-M   'P 21 21 21'
#
loop_
_entity.id
_entity.type
_entity.pdbx_description
1 polymer ENDO-1,4-BETA-D-XYLANASE
2 branched alpha-D-xylopyranose-(1-4)-alpha-D-xylopyranose-(1-4)-alpha-D-xylopyranose-(1-4)-alpha-D-xylopyranose-(1-4)-alpha-D-xylopyranose
3 branched alpha-D-xylopyranose-(1-4)-alpha-D-xylopyranose-(1-4)-alpha-D-xylopyranose-(1-4)-alpha-D-xylopyranose
4 branched alpha-D-xylopyranose-(1-4)-alpha-D-xylopyranose
5 non-polymer 'SULFATE ION'
6 non-polymer GLYCEROL
7 water water
#
_entity_poly.entity_id   1
_entity_poly.type   'polypeptide(L)'
_entity_poly.pdbx_seq_one_letter_code
;AESTLGAAAAQSGRYFGTAIASGKLGDSAYTTIASREFNMVTAENEMKIDATEPQRGQFNFSAGDRVYNWAVQNGKQVRG
HTLAWHSQQPGWMQSLSGSTLRQAMIDHINGVMGHYKGKIAQWDVVSHAFSDDGSGGRRDSNLQRTGNDWIEVAFRTARA
ADPAAKLCYNDYNIENWTWAKTQGVYNMVRDFKQRGVPIDCVGFQSHFNSGSPYNSNFRTTLQNFAALGVDVAITELDIQ
GASSSTYAAVTNDCLAVSRCLGITVWGVRDTDSWRSGDTPLLFNGDGSKKAAYTAVLNALNGGSSTPPPSGGGQIKGVGS
GRCLDVPNASTTDGTQVQLYDCHSATNQQWTYTDAGELRVYGDKCLDAAGTGNGTKVQIYSCWGGDNQKWRLNSDGSIVG
VQSGLCLDAVGGGTANGTLIQLYSCSNGSNQRWTRT
;
_entity_poly.pdbx_strand_id   A,B
#
loop_
_chem_comp.id
_chem_comp.type
_chem_comp.name
_chem_comp.formula
GOL non-polymer GLYCEROL 'C3 H8 O3'
SO4 non-polymer 'SULFATE ION' 'O4 S -2'
XYS D-saccharide, alpha linking alpha-D-xylopyranose 'C5 H10 O5'
#
# COMPACT_ATOMS: atom_id res chain seq x y z
N ALA A 1 -19.24 -16.80 22.50
CA ALA A 1 -19.19 -16.48 21.05
C ALA A 1 -17.73 -16.42 20.58
N GLU A 2 -17.53 -16.30 19.27
CA GLU A 2 -16.18 -16.25 18.76
C GLU A 2 -16.03 -15.75 17.33
N SER A 3 -17.03 -15.00 16.84
CA SER A 3 -16.96 -14.46 15.50
C SER A 3 -16.49 -13.01 15.53
N THR A 4 -16.40 -12.44 16.73
CA THR A 4 -15.95 -11.06 16.91
C THR A 4 -14.79 -11.04 17.89
N LEU A 5 -13.94 -10.01 17.80
CA LEU A 5 -12.79 -9.91 18.68
C LEU A 5 -13.14 -9.86 20.17
N GLY A 6 -14.11 -9.01 20.50
CA GLY A 6 -14.51 -8.87 21.90
C GLY A 6 -15.01 -10.19 22.47
N ALA A 7 -15.94 -10.84 21.77
CA ALA A 7 -16.49 -12.10 22.22
C ALA A 7 -15.43 -13.18 22.36
N ALA A 8 -14.52 -13.25 21.40
CA ALA A 8 -13.46 -14.25 21.42
C ALA A 8 -12.57 -14.04 22.65
N ALA A 9 -12.24 -12.79 22.94
CA ALA A 9 -11.40 -12.48 24.10
C ALA A 9 -12.14 -12.83 25.39
N ALA A 10 -13.44 -12.57 25.42
CA ALA A 10 -14.25 -12.85 26.61
C ALA A 10 -14.22 -14.31 27.01
N GLN A 11 -13.92 -15.20 26.06
CA GLN A 11 -13.85 -16.63 26.34
C GLN A 11 -12.80 -16.94 27.39
N SER A 12 -11.78 -16.09 27.49
CA SER A 12 -10.72 -16.31 28.46
C SER A 12 -10.75 -15.23 29.55
N GLY A 13 -11.89 -14.55 29.67
CA GLY A 13 -12.05 -13.52 30.68
C GLY A 13 -11.40 -12.20 30.33
N ARG A 14 -10.98 -12.05 29.08
CA ARG A 14 -10.33 -10.82 28.65
C ARG A 14 -11.22 -9.95 27.79
N TYR A 15 -10.67 -8.81 27.36
CA TYR A 15 -11.42 -7.90 26.50
C TYR A 15 -10.57 -7.55 25.32
N PHE A 16 -11.19 -7.01 24.28
CA PHE A 16 -10.47 -6.53 23.12
C PHE A 16 -11.13 -5.20 22.83
N GLY A 17 -10.37 -4.13 23.00
CA GLY A 17 -10.93 -2.81 22.79
C GLY A 17 -10.28 -1.98 21.70
N THR A 18 -10.77 -0.75 21.57
CA THR A 18 -10.26 0.16 20.58
C THR A 18 -10.31 1.58 21.13
N ALA A 19 -9.73 2.51 20.37
CA ALA A 19 -9.74 3.92 20.73
C ALA A 19 -10.87 4.50 19.89
N ILE A 20 -11.77 5.22 20.54
CA ILE A 20 -12.91 5.81 19.84
C ILE A 20 -12.74 7.32 19.74
N ALA A 21 -13.00 7.85 18.55
CA ALA A 21 -12.91 9.30 18.30
C ALA A 21 -14.33 9.85 18.24
N SER A 22 -14.64 10.81 19.11
CA SER A 22 -15.99 11.38 19.15
C SER A 22 -16.47 11.89 17.79
N GLY A 23 -15.57 12.47 17.01
CA GLY A 23 -15.95 12.99 15.71
C GLY A 23 -16.37 11.93 14.72
N LYS A 24 -16.03 10.68 14.99
CA LYS A 24 -16.38 9.58 14.10
C LYS A 24 -17.63 8.78 14.50
N LEU A 25 -18.15 9.02 15.70
CA LEU A 25 -19.34 8.30 16.14
C LEU A 25 -20.58 8.55 15.29
N GLY A 26 -20.52 9.57 14.44
CA GLY A 26 -21.66 9.86 13.58
C GLY A 26 -21.50 9.17 12.23
N ASP A 27 -20.45 8.36 12.13
CA ASP A 27 -20.13 7.63 10.91
C ASP A 27 -20.69 6.22 11.00
N SER A 28 -21.67 5.91 10.16
CA SER A 28 -22.29 4.59 10.15
C SER A 28 -21.30 3.44 9.98
N ALA A 29 -20.41 3.55 9.00
CA ALA A 29 -19.43 2.51 8.74
C ALA A 29 -18.53 2.30 9.95
N TYR A 30 -18.08 3.40 10.53
CA TYR A 30 -17.22 3.38 11.70
C TYR A 30 -17.89 2.72 12.90
N THR A 31 -19.06 3.22 13.28
CA THR A 31 -19.77 2.68 14.44
C THR A 31 -20.23 1.24 14.28
N THR A 32 -20.54 0.83 13.04
CA THR A 32 -20.96 -0.54 12.81
C THR A 32 -19.83 -1.50 13.19
N ILE A 33 -18.62 -1.17 12.75
CA ILE A 33 -17.47 -2.02 13.08
C ILE A 33 -17.14 -1.94 14.57
N ALA A 34 -17.05 -0.73 15.09
CA ALA A 34 -16.71 -0.53 16.50
C ALA A 34 -17.66 -1.19 17.49
N SER A 35 -18.97 -1.04 17.27
CA SER A 35 -19.94 -1.62 18.18
C SER A 35 -19.91 -3.15 18.15
N ARG A 36 -19.68 -3.70 16.96
CA ARG A 36 -19.65 -5.15 16.77
C ARG A 36 -18.42 -5.89 17.29
N GLU A 37 -17.24 -5.30 17.05
CA GLU A 37 -15.98 -5.96 17.39
C GLU A 37 -15.33 -5.77 18.76
N PHE A 38 -15.57 -4.65 19.41
CA PHE A 38 -14.91 -4.38 20.68
C PHE A 38 -15.78 -4.31 21.91
N ASN A 39 -15.23 -4.73 23.05
CA ASN A 39 -15.98 -4.65 24.31
C ASN A 39 -15.26 -3.82 25.37
N MET A 40 -14.32 -2.99 24.91
CA MET A 40 -13.59 -2.08 25.79
C MET A 40 -13.32 -0.85 24.92
N VAL A 41 -13.49 0.32 25.52
CA VAL A 41 -13.30 1.57 24.80
C VAL A 41 -12.41 2.56 25.55
N THR A 42 -11.58 3.26 24.80
CA THR A 42 -10.72 4.30 25.36
C THR A 42 -11.00 5.52 24.48
N ALA A 43 -11.21 6.68 25.09
CA ALA A 43 -11.44 7.88 24.31
C ALA A 43 -10.08 8.27 23.75
N GLU A 44 -10.00 8.49 22.45
CA GLU A 44 -8.72 8.82 21.83
C GLU A 44 -8.14 10.14 22.33
N ASN A 45 -9.00 11.12 22.61
CA ASN A 45 -8.53 12.43 23.07
C ASN A 45 -9.47 13.11 24.06
N GLU A 46 -10.73 12.71 24.03
CA GLU A 46 -11.77 13.31 24.85
C GLU A 46 -11.63 13.33 26.38
N MET A 47 -10.77 12.50 26.94
CA MET A 47 -10.59 12.50 28.38
C MET A 47 -9.22 12.98 28.84
N LYS A 48 -8.49 13.61 27.93
CA LYS A 48 -7.17 14.12 28.25
C LYS A 48 -7.33 15.45 29.00
N ILE A 49 -6.22 15.98 29.52
CA ILE A 49 -6.26 17.21 30.31
C ILE A 49 -6.85 18.44 29.62
N ASP A 50 -6.37 18.75 28.42
CA ASP A 50 -6.88 19.92 27.70
C ASP A 50 -8.35 19.81 27.33
N ALA A 51 -8.82 18.58 27.10
CA ALA A 51 -10.20 18.36 26.73
C ALA A 51 -11.17 18.44 27.91
N THR A 52 -10.71 17.98 29.07
CA THR A 52 -11.56 17.97 30.27
C THR A 52 -11.45 19.20 31.19
N GLU A 53 -10.34 19.92 31.11
CA GLU A 53 -10.17 21.11 31.95
C GLU A 53 -9.50 22.23 31.16
N PRO A 54 -10.22 22.79 30.18
CA PRO A 54 -9.75 23.88 29.31
C PRO A 54 -9.29 25.12 30.07
N GLN A 55 -9.88 25.36 31.24
CA GLN A 55 -9.51 26.48 32.10
C GLN A 55 -9.37 25.89 33.51
N ARG A 56 -8.37 26.33 34.25
CA ARG A 56 -8.17 25.81 35.60
C ARG A 56 -9.42 25.96 36.46
N GLY A 57 -10.00 24.82 36.84
CA GLY A 57 -11.20 24.84 37.66
C GLY A 57 -12.46 24.77 36.84
N GLN A 58 -12.34 24.90 35.52
CA GLN A 58 -13.49 24.84 34.63
C GLN A 58 -13.44 23.51 33.87
N PHE A 59 -14.26 22.56 34.30
CA PHE A 59 -14.30 21.24 33.67
C PHE A 59 -15.33 21.13 32.56
N ASN A 60 -15.00 20.35 31.54
CA ASN A 60 -15.88 20.11 30.40
C ASN A 60 -15.84 18.63 30.04
N PHE A 61 -16.96 17.95 30.24
CA PHE A 61 -17.05 16.52 29.98
C PHE A 61 -18.00 16.16 28.85
N SER A 62 -18.43 17.16 28.09
CA SER A 62 -19.35 16.92 26.98
C SER A 62 -18.91 15.80 26.04
N ALA A 63 -17.71 15.96 25.48
CA ALA A 63 -17.18 14.99 24.54
C ALA A 63 -16.84 13.66 25.20
N GLY A 64 -16.23 13.73 26.38
CA GLY A 64 -15.88 12.52 27.10
C GLY A 64 -17.10 11.69 27.44
N ASP A 65 -18.14 12.36 27.92
CA ASP A 65 -19.38 11.66 28.27
C ASP A 65 -20.05 11.04 27.05
N ARG A 66 -19.89 11.68 25.89
CA ARG A 66 -20.49 11.14 24.67
C ARG A 66 -19.87 9.79 24.32
N VAL A 67 -18.55 9.70 24.43
CA VAL A 67 -17.85 8.45 24.13
C VAL A 67 -18.18 7.42 25.21
N TYR A 68 -18.17 7.87 26.47
CA TYR A 68 -18.48 6.99 27.59
C TYR A 68 -19.87 6.37 27.47
N ASN A 69 -20.87 7.22 27.25
CA ASN A 69 -22.24 6.74 27.13
C ASN A 69 -22.42 5.78 25.96
N TRP A 70 -21.78 6.08 24.84
CA TRP A 70 -21.87 5.21 23.67
C TRP A 70 -21.26 3.86 24.03
N ALA A 71 -20.13 3.88 24.71
CA ALA A 71 -19.45 2.65 25.11
C ALA A 71 -20.34 1.76 25.97
N VAL A 72 -20.81 2.29 27.08
CA VAL A 72 -21.66 1.51 27.99
C VAL A 72 -22.95 1.05 27.31
N GLN A 73 -23.56 1.93 26.52
CA GLN A 73 -24.81 1.58 25.83
C GLN A 73 -24.62 0.44 24.84
N ASN A 74 -23.40 0.29 24.33
CA ASN A 74 -23.11 -0.76 23.37
C ASN A 74 -22.34 -1.94 23.95
N GLY A 75 -22.36 -2.04 25.28
CA GLY A 75 -21.72 -3.16 25.95
C GLY A 75 -20.21 -3.14 26.09
N LYS A 76 -19.63 -1.96 26.24
CA LYS A 76 -18.18 -1.87 26.41
C LYS A 76 -17.82 -1.17 27.70
N GLN A 77 -16.76 -1.65 28.35
CA GLN A 77 -16.27 -0.99 29.55
C GLN A 77 -15.41 0.14 29.03
N VAL A 78 -14.90 0.98 29.92
CA VAL A 78 -14.10 2.11 29.48
C VAL A 78 -12.80 2.27 30.24
N ARG A 79 -11.73 2.60 29.52
CA ARG A 79 -10.43 2.87 30.13
C ARG A 79 -10.30 4.39 30.04
N GLY A 80 -9.99 5.03 31.17
CA GLY A 80 -9.81 6.48 31.19
C GLY A 80 -8.39 6.83 30.78
N HIS A 81 -8.25 7.74 29.82
CA HIS A 81 -6.94 8.15 29.30
C HIS A 81 -6.96 9.66 29.05
N THR A 82 -6.15 10.45 29.76
CA THR A 82 -5.23 10.05 30.83
C THR A 82 -5.22 11.26 31.79
N LEU A 83 -5.00 11.02 33.07
CA LEU A 83 -5.05 12.08 34.08
C LEU A 83 -3.87 13.02 34.30
N ALA A 84 -2.66 12.49 34.30
CA ALA A 84 -1.48 13.33 34.52
C ALA A 84 -0.32 12.97 33.62
N TRP A 85 0.07 13.92 32.77
CA TRP A 85 1.19 13.73 31.86
C TRP A 85 1.58 15.06 31.21
N HIS A 86 2.75 15.07 30.58
CA HIS A 86 3.30 16.27 29.96
C HIS A 86 2.72 16.67 28.60
N SER A 87 2.04 15.74 27.94
CA SER A 87 1.49 16.03 26.61
C SER A 87 0.05 16.52 26.57
N GLN A 88 -0.26 17.27 25.52
CA GLN A 88 -1.59 17.81 25.30
C GLN A 88 -2.18 18.54 26.51
N GLN A 89 -1.32 19.23 27.25
CA GLN A 89 -1.78 19.99 28.40
C GLN A 89 -2.40 21.29 27.90
N PRO A 90 -3.43 21.79 28.58
CA PRO A 90 -4.03 23.05 28.12
C PRO A 90 -2.99 24.14 28.37
N GLY A 91 -3.08 25.23 27.62
CA GLY A 91 -2.12 26.32 27.77
C GLY A 91 -1.85 26.77 29.19
N TRP A 92 -2.90 26.90 30.00
CA TRP A 92 -2.73 27.35 31.38
C TRP A 92 -1.87 26.42 32.23
N MET A 93 -1.94 25.12 31.97
CA MET A 93 -1.15 24.17 32.75
C MET A 93 0.30 24.15 32.28
N GLN A 94 0.50 24.32 30.98
CA GLN A 94 1.84 24.32 30.41
C GLN A 94 2.75 25.36 31.05
N SER A 95 2.16 26.49 31.45
CA SER A 95 2.93 27.57 32.05
C SER A 95 3.09 27.47 33.57
N LEU A 96 2.47 26.47 34.18
CA LEU A 96 2.57 26.30 35.63
C LEU A 96 3.81 25.52 36.03
N SER A 97 4.25 25.71 37.27
CA SER A 97 5.44 25.03 37.79
C SER A 97 5.36 24.91 39.30
N GLY A 98 6.28 24.12 39.87
CA GLY A 98 6.35 23.94 41.30
C GLY A 98 5.07 23.49 42.01
N SER A 99 4.89 23.99 43.22
CA SER A 99 3.75 23.66 44.06
C SER A 99 2.38 23.96 43.45
N THR A 100 2.28 25.04 42.68
CA THR A 100 1.01 25.39 42.07
C THR A 100 0.63 24.35 41.02
N LEU A 101 1.61 23.87 40.26
CA LEU A 101 1.36 22.85 39.25
C LEU A 101 0.96 21.55 39.93
N ARG A 102 1.66 21.23 41.03
CA ARG A 102 1.37 20.00 41.77
C ARG A 102 -0.07 20.03 42.26
N GLN A 103 -0.53 21.19 42.73
CA GLN A 103 -1.90 21.32 43.22
C GLN A 103 -2.90 21.18 42.06
N ALA A 104 -2.55 21.77 40.92
CA ALA A 104 -3.41 21.70 39.74
C ALA A 104 -3.52 20.24 39.27
N MET A 105 -2.40 19.52 39.35
CA MET A 105 -2.38 18.12 38.96
C MET A 105 -3.37 17.34 39.81
N ILE A 106 -3.25 17.54 41.13
CA ILE A 106 -4.14 16.87 42.09
C ILE A 106 -5.60 17.25 41.86
N ASP A 107 -5.85 18.55 41.69
CA ASP A 107 -7.21 19.01 41.46
C ASP A 107 -7.81 18.41 40.19
N HIS A 108 -6.99 18.32 39.14
CA HIS A 108 -7.47 17.75 37.88
C HIS A 108 -7.88 16.30 38.07
N ILE A 109 -7.04 15.54 38.78
CA ILE A 109 -7.32 14.13 39.04
C ILE A 109 -8.65 13.99 39.79
N ASN A 110 -8.81 14.78 40.85
CA ASN A 110 -10.03 14.72 41.65
C ASN A 110 -11.27 15.11 40.84
N GLY A 111 -11.14 16.14 40.02
CA GLY A 111 -12.27 16.59 39.23
C GLY A 111 -12.74 15.58 38.18
N VAL A 112 -11.80 15.06 37.41
CA VAL A 112 -12.14 14.10 36.36
C VAL A 112 -12.58 12.75 36.93
N MET A 113 -11.79 12.18 37.83
CA MET A 113 -12.16 10.91 38.41
C MET A 113 -13.46 11.00 39.20
N GLY A 114 -13.70 12.16 39.80
CA GLY A 114 -14.92 12.35 40.56
C GLY A 114 -16.13 12.31 39.65
N HIS A 115 -16.02 12.93 38.48
CA HIS A 115 -17.11 12.97 37.51
C HIS A 115 -17.47 11.57 37.03
N TYR A 116 -16.46 10.72 36.86
CA TYR A 116 -16.65 9.36 36.38
C TYR A 116 -16.53 8.30 37.47
N LYS A 117 -16.66 8.71 38.74
CA LYS A 117 -16.51 7.78 39.84
C LYS A 117 -17.32 6.49 39.71
N GLY A 118 -16.63 5.36 39.84
CA GLY A 118 -17.27 4.05 39.74
C GLY A 118 -17.69 3.59 38.37
N LYS A 119 -17.39 4.37 37.34
CA LYS A 119 -17.80 4.02 35.98
C LYS A 119 -16.63 3.68 35.05
N ILE A 120 -15.41 3.74 35.57
CA ILE A 120 -14.22 3.48 34.77
C ILE A 120 -13.50 2.21 35.24
N ALA A 121 -13.27 1.27 34.33
CA ALA A 121 -12.60 0.02 34.66
C ALA A 121 -11.11 0.22 34.98
N GLN A 122 -10.45 1.03 34.17
CA GLN A 122 -9.02 1.33 34.33
C GLN A 122 -8.75 2.79 34.00
N TRP A 123 -7.90 3.42 34.80
CA TRP A 123 -7.51 4.80 34.56
C TRP A 123 -6.01 4.86 34.32
N ASP A 124 -5.59 5.49 33.22
CA ASP A 124 -4.17 5.69 32.98
C ASP A 124 -3.94 6.94 33.82
N VAL A 125 -3.55 6.76 35.08
CA VAL A 125 -3.32 7.88 35.99
C VAL A 125 -2.16 8.75 35.51
N VAL A 126 -1.03 8.12 35.22
CA VAL A 126 0.15 8.82 34.74
C VAL A 126 0.63 8.15 33.46
N SER A 127 1.05 8.95 32.48
CA SER A 127 1.52 8.43 31.20
C SER A 127 2.80 9.15 30.74
N HIS A 128 3.64 8.43 29.99
CA HIS A 128 4.87 8.98 29.41
C HIS A 128 5.85 9.63 30.39
N ALA A 129 6.00 9.08 31.58
CA ALA A 129 6.89 9.69 32.57
C ALA A 129 8.39 9.40 32.39
N PHE A 130 8.73 8.43 31.54
CA PHE A 130 10.14 8.10 31.34
C PHE A 130 10.71 8.56 30.01
N SER A 131 12.02 8.82 29.99
CA SER A 131 12.72 9.31 28.82
C SER A 131 13.13 8.22 27.83
N ASP A 132 13.38 8.65 26.59
CA ASP A 132 13.81 7.75 25.52
C ASP A 132 15.31 7.90 25.29
N ASP A 133 15.98 8.70 26.12
CA ASP A 133 17.41 8.93 25.95
C ASP A 133 18.30 7.73 26.23
N GLY A 134 17.71 6.64 26.72
CA GLY A 134 18.49 5.44 27.00
C GLY A 134 19.05 5.37 28.42
N SER A 135 18.74 6.36 29.24
CA SER A 135 19.22 6.39 30.61
C SER A 135 18.30 5.62 31.54
N GLY A 136 17.05 5.45 31.12
CA GLY A 136 16.09 4.75 31.96
C GLY A 136 15.54 5.65 33.04
N GLY A 137 15.87 6.94 32.96
CA GLY A 137 15.40 7.88 33.96
C GLY A 137 14.10 8.57 33.55
N ARG A 138 13.65 9.52 34.39
CA ARG A 138 12.41 10.26 34.14
C ARG A 138 12.61 11.29 33.03
N ARG A 139 11.55 11.60 32.29
CA ARG A 139 11.67 12.58 31.23
C ARG A 139 11.51 13.95 31.90
N ASP A 140 12.22 14.95 31.39
CA ASP A 140 12.14 16.28 31.97
C ASP A 140 10.90 17.02 31.49
N SER A 141 9.99 17.27 32.42
CA SER A 141 8.75 17.97 32.12
C SER A 141 8.39 18.84 33.32
N ASN A 142 7.42 19.73 33.16
CA ASN A 142 7.03 20.60 34.26
C ASN A 142 6.57 19.77 35.45
N LEU A 143 5.90 18.64 35.20
CA LEU A 143 5.42 17.78 36.27
C LEU A 143 6.61 17.14 37.02
N GLN A 144 7.59 16.66 36.27
CA GLN A 144 8.76 16.03 36.90
C GLN A 144 9.54 17.05 37.73
N ARG A 145 9.55 18.30 37.28
CA ARG A 145 10.27 19.35 38.00
C ARG A 145 9.59 19.74 39.31
N THR A 146 8.37 19.28 39.52
CA THR A 146 7.65 19.59 40.76
C THR A 146 8.15 18.67 41.87
N GLY A 147 8.88 17.64 41.48
CA GLY A 147 9.40 16.68 42.45
C GLY A 147 9.28 15.28 41.89
N ASN A 148 10.30 14.46 42.12
CA ASN A 148 10.32 13.09 41.61
C ASN A 148 9.14 12.27 42.14
N ASP A 149 8.54 12.75 43.22
CA ASP A 149 7.42 12.05 43.85
C ASP A 149 6.07 12.37 43.22
N TRP A 150 6.05 13.12 42.12
CA TRP A 150 4.78 13.48 41.52
C TRP A 150 3.94 12.28 41.09
N ILE A 151 4.58 11.26 40.56
CA ILE A 151 3.86 10.07 40.12
C ILE A 151 3.20 9.38 41.32
N GLU A 152 3.94 9.21 42.40
CA GLU A 152 3.41 8.58 43.60
C GLU A 152 2.21 9.37 44.13
N VAL A 153 2.33 10.69 44.11
CA VAL A 153 1.24 11.54 44.58
C VAL A 153 0.01 11.39 43.68
N ALA A 154 0.24 11.33 42.37
CA ALA A 154 -0.85 11.17 41.42
C ALA A 154 -1.64 9.91 41.73
N PHE A 155 -0.93 8.81 41.98
CA PHE A 155 -1.59 7.55 42.28
C PHE A 155 -2.31 7.55 43.62
N ARG A 156 -1.71 8.14 44.65
CA ARG A 156 -2.38 8.18 45.94
C ARG A 156 -3.65 9.02 45.83
N THR A 157 -3.56 10.10 45.07
CA THR A 157 -4.70 10.98 44.87
C THR A 157 -5.82 10.22 44.15
N ALA A 158 -5.45 9.49 43.11
CA ALA A 158 -6.40 8.71 42.33
C ALA A 158 -7.13 7.63 43.13
N ARG A 159 -6.38 6.91 43.97
CA ARG A 159 -6.97 5.86 44.79
C ARG A 159 -8.12 6.41 45.64
N ALA A 160 -7.88 7.56 46.25
CA ALA A 160 -8.88 8.20 47.10
C ALA A 160 -10.06 8.71 46.29
N ALA A 161 -9.77 9.26 45.12
CA ALA A 161 -10.81 9.80 44.26
C ALA A 161 -11.82 8.74 43.81
N ASP A 162 -11.33 7.56 43.44
CA ASP A 162 -12.21 6.49 43.00
C ASP A 162 -11.58 5.13 43.29
N PRO A 163 -11.85 4.59 44.49
CA PRO A 163 -11.31 3.29 44.92
C PRO A 163 -11.72 2.11 44.04
N ALA A 164 -12.74 2.30 43.20
CA ALA A 164 -13.22 1.23 42.34
C ALA A 164 -12.47 1.07 41.03
N ALA A 165 -11.69 2.08 40.64
CA ALA A 165 -10.96 2.01 39.39
C ALA A 165 -9.57 1.42 39.54
N LYS A 166 -9.15 0.60 38.57
CA LYS A 166 -7.81 0.04 38.60
C LYS A 166 -6.93 1.17 38.11
N LEU A 167 -5.85 1.43 38.83
CA LEU A 167 -4.94 2.53 38.50
C LEU A 167 -3.73 2.03 37.74
N CYS A 168 -3.54 2.52 36.52
CA CYS A 168 -2.41 2.08 35.70
C CYS A 168 -1.39 3.15 35.38
N TYR A 169 -0.15 2.72 35.19
CA TYR A 169 0.92 3.62 34.76
C TYR A 169 1.03 3.19 33.29
N ASN A 170 0.94 4.15 32.38
CA ASN A 170 0.96 3.86 30.94
C ASN A 170 2.12 4.52 30.20
N ASP A 171 2.80 3.77 29.34
CA ASP A 171 3.93 4.34 28.58
C ASP A 171 4.22 3.53 27.32
N TYR A 172 5.05 4.09 26.45
CA TYR A 172 5.44 3.43 25.21
C TYR A 172 6.93 3.09 25.27
N ASN A 173 7.40 2.27 24.33
CA ASN A 173 8.80 1.87 24.28
C ASN A 173 9.23 1.19 25.58
N ILE A 174 8.30 0.49 26.23
CA ILE A 174 8.61 -0.23 27.46
C ILE A 174 8.20 -1.70 27.30
N GLU A 175 8.17 -2.16 26.05
CA GLU A 175 7.79 -3.55 25.75
C GLU A 175 8.98 -4.50 25.71
N ASN A 176 10.08 -4.05 25.13
CA ASN A 176 11.29 -4.87 25.03
C ASN A 176 11.98 -4.85 26.40
N TRP A 177 12.11 -6.01 27.02
CA TRP A 177 12.72 -6.11 28.34
C TRP A 177 14.14 -5.55 28.46
N THR A 178 14.91 -5.61 27.38
CA THR A 178 16.29 -5.14 27.41
C THR A 178 16.47 -3.62 27.37
N TRP A 179 15.39 -2.88 27.09
CA TRP A 179 15.49 -1.43 27.03
C TRP A 179 15.56 -0.80 28.40
N ALA A 180 16.42 0.20 28.53
CA ALA A 180 16.59 0.91 29.79
C ALA A 180 15.26 1.48 30.29
N LYS A 181 14.47 2.03 29.36
CA LYS A 181 13.18 2.61 29.71
C LYS A 181 12.30 1.57 30.41
N THR A 182 12.25 0.37 29.84
CA THR A 182 11.46 -0.71 30.41
C THR A 182 11.92 -1.00 31.84
N GLN A 183 13.24 -1.08 32.02
CA GLN A 183 13.84 -1.33 33.32
C GLN A 183 13.52 -0.23 34.33
N GLY A 184 13.51 1.01 33.86
CA GLY A 184 13.21 2.12 34.74
C GLY A 184 11.79 2.03 35.27
N VAL A 185 10.85 1.72 34.39
CA VAL A 185 9.46 1.60 34.80
C VAL A 185 9.29 0.42 35.74
N TYR A 186 9.97 -0.68 35.42
CA TYR A 186 9.89 -1.87 36.27
C TYR A 186 10.36 -1.55 37.68
N ASN A 187 11.51 -0.88 37.80
CA ASN A 187 12.05 -0.54 39.11
C ASN A 187 11.11 0.38 39.89
N MET A 188 10.45 1.30 39.19
CA MET A 188 9.54 2.22 39.84
C MET A 188 8.33 1.46 40.39
N VAL A 189 7.72 0.62 39.55
CA VAL A 189 6.55 -0.14 39.97
C VAL A 189 6.91 -1.10 41.10
N ARG A 190 8.10 -1.69 41.02
CA ARG A 190 8.52 -2.61 42.07
C ARG A 190 8.60 -1.83 43.38
N ASP A 191 9.17 -0.64 43.31
CA ASP A 191 9.30 0.24 44.49
C ASP A 191 7.92 0.58 45.05
N PHE A 192 7.00 0.95 44.17
CA PHE A 192 5.64 1.29 44.59
C PHE A 192 4.96 0.15 45.34
N LYS A 193 5.04 -1.06 44.78
CA LYS A 193 4.43 -2.22 45.42
C LYS A 193 5.05 -2.52 46.78
N GLN A 194 6.36 -2.35 46.89
CA GLN A 194 7.06 -2.61 48.14
C GLN A 194 6.70 -1.59 49.22
N ARG A 195 6.51 -0.34 48.81
CA ARG A 195 6.18 0.72 49.78
C ARG A 195 4.69 0.94 49.96
N GLY A 196 3.87 0.17 49.25
CA GLY A 196 2.44 0.30 49.38
C GLY A 196 1.78 1.38 48.54
N VAL A 197 2.51 1.94 47.58
CA VAL A 197 1.94 2.97 46.72
C VAL A 197 0.81 2.30 45.92
N PRO A 198 -0.38 2.89 45.93
CA PRO A 198 -1.52 2.32 45.21
C PRO A 198 -1.46 2.32 43.68
N ILE A 199 -0.99 1.22 43.12
CA ILE A 199 -0.92 1.05 41.66
C ILE A 199 -1.40 -0.37 41.39
N ASP A 200 -2.35 -0.50 40.48
CA ASP A 200 -2.94 -1.80 40.17
C ASP A 200 -2.55 -2.39 38.83
N CYS A 201 -2.05 -1.55 37.93
CA CYS A 201 -1.73 -2.03 36.59
C CYS A 201 -0.69 -1.20 35.85
N VAL A 202 -0.11 -1.82 34.83
CA VAL A 202 0.86 -1.15 33.99
C VAL A 202 0.37 -1.33 32.57
N GLY A 203 0.23 -0.20 31.87
CA GLY A 203 -0.23 -0.24 30.49
C GLY A 203 0.92 -0.14 29.52
N PHE A 204 0.98 -1.11 28.61
CA PHE A 204 2.02 -1.13 27.59
C PHE A 204 1.35 -0.71 26.29
N GLN A 205 1.61 0.52 25.85
CA GLN A 205 0.98 1.05 24.65
C GLN A 205 1.15 0.16 23.43
N SER A 206 2.34 -0.43 23.30
CA SER A 206 2.61 -1.34 22.19
C SER A 206 2.49 -0.75 20.79
N HIS A 207 3.14 0.40 20.58
CA HIS A 207 3.16 1.01 19.26
C HIS A 207 4.40 0.42 18.62
N PHE A 208 4.23 -0.61 17.81
CA PHE A 208 5.35 -1.28 17.18
C PHE A 208 5.59 -0.86 15.73
N ASN A 209 6.86 -0.65 15.39
CA ASN A 209 7.27 -0.26 14.04
C ASN A 209 8.75 -0.62 13.90
N SER A 210 9.33 -0.42 12.71
CA SER A 210 10.74 -0.79 12.54
C SER A 210 11.69 0.07 13.37
N GLY A 211 11.17 1.14 13.95
CA GLY A 211 12.00 1.98 14.81
C GLY A 211 12.03 1.40 16.21
N SER A 212 10.90 0.85 16.62
CA SER A 212 10.75 0.22 17.93
C SER A 212 9.93 -1.05 17.69
N PRO A 213 10.59 -2.08 17.14
CA PRO A 213 10.00 -3.39 16.79
C PRO A 213 9.54 -4.25 17.95
N TYR A 214 8.53 -5.07 17.66
CA TYR A 214 8.01 -6.01 18.62
C TYR A 214 9.12 -7.04 18.79
N ASN A 215 9.28 -7.55 20.00
CA ASN A 215 10.26 -8.58 20.26
C ASN A 215 9.56 -9.62 21.13
N SER A 216 9.86 -10.90 20.89
CA SER A 216 9.22 -11.95 21.67
C SER A 216 9.39 -11.74 23.17
N ASN A 217 10.45 -11.04 23.58
CA ASN A 217 10.65 -10.84 25.02
C ASN A 217 9.61 -9.91 25.65
N PHE A 218 8.67 -9.44 24.84
CA PHE A 218 7.60 -8.59 25.37
C PHE A 218 6.81 -9.46 26.36
N ARG A 219 6.72 -10.75 26.08
CA ARG A 219 5.99 -11.64 26.97
C ARG A 219 6.69 -11.69 28.31
N THR A 220 8.02 -11.69 28.27
CA THR A 220 8.82 -11.74 29.50
C THR A 220 8.59 -10.47 30.31
N THR A 221 8.49 -9.34 29.62
CA THR A 221 8.25 -8.07 30.28
C THR A 221 6.90 -8.14 30.99
N LEU A 222 5.87 -8.60 30.28
CA LEU A 222 4.54 -8.72 30.87
C LEU A 222 4.55 -9.63 32.09
N GLN A 223 5.25 -10.75 31.98
CA GLN A 223 5.33 -11.71 33.08
C GLN A 223 6.11 -11.16 34.27
N ASN A 224 7.16 -10.40 34.00
CA ASN A 224 7.96 -9.83 35.07
C ASN A 224 7.13 -8.81 35.85
N PHE A 225 6.34 -8.00 35.15
CA PHE A 225 5.51 -7.03 35.86
C PHE A 225 4.38 -7.75 36.59
N ALA A 226 3.81 -8.78 35.97
CA ALA A 226 2.73 -9.54 36.59
C ALA A 226 3.22 -10.14 37.90
N ALA A 227 4.49 -10.54 37.92
CA ALA A 227 5.09 -11.15 39.11
C ALA A 227 5.19 -10.16 40.27
N LEU A 228 5.09 -8.87 39.95
CA LEU A 228 5.16 -7.83 40.98
C LEU A 228 3.84 -7.70 41.72
N GLY A 229 2.79 -8.31 41.17
CA GLY A 229 1.49 -8.22 41.80
C GLY A 229 0.59 -7.17 41.19
N VAL A 230 0.89 -6.80 39.94
CA VAL A 230 0.07 -5.82 39.24
C VAL A 230 -0.47 -6.46 37.98
N ASP A 231 -1.63 -5.99 37.52
CA ASP A 231 -2.19 -6.51 36.28
C ASP A 231 -1.46 -5.77 35.18
N VAL A 232 -1.57 -6.29 33.95
CA VAL A 232 -0.94 -5.64 32.82
C VAL A 232 -1.97 -5.56 31.71
N ALA A 233 -1.80 -4.60 30.82
CA ALA A 233 -2.71 -4.43 29.71
C ALA A 233 -1.98 -3.85 28.51
N ILE A 234 -2.40 -4.27 27.33
CA ILE A 234 -1.84 -3.77 26.07
C ILE A 234 -2.86 -2.69 25.76
N THR A 235 -2.43 -1.44 25.85
CA THR A 235 -3.32 -0.29 25.73
C THR A 235 -3.53 0.49 24.44
N GLU A 236 -2.53 0.55 23.57
CA GLU A 236 -2.65 1.33 22.34
C GLU A 236 -2.00 0.62 21.17
N LEU A 237 -2.24 -0.68 21.09
CA LEU A 237 -1.64 -1.49 20.05
C LEU A 237 -1.92 -1.16 18.59
N ASP A 238 -0.83 -1.04 17.84
CA ASP A 238 -0.85 -0.88 16.40
C ASP A 238 0.53 -1.31 15.93
N ILE A 239 0.56 -1.96 14.78
CA ILE A 239 1.80 -2.50 14.23
C ILE A 239 2.01 -2.04 12.80
N GLN A 240 3.12 -1.35 12.59
CA GLN A 240 3.45 -0.84 11.25
C GLN A 240 3.41 -1.99 10.25
N GLY A 241 2.52 -1.87 9.26
CA GLY A 241 2.41 -2.92 8.25
C GLY A 241 1.36 -3.97 8.63
N ALA A 242 0.96 -3.98 9.89
CA ALA A 242 -0.04 -4.91 10.39
C ALA A 242 0.30 -6.38 10.11
N SER A 243 1.54 -6.75 10.33
CA SER A 243 1.97 -8.14 10.14
C SER A 243 1.03 -9.08 10.87
N SER A 244 0.54 -10.10 10.16
CA SER A 244 -0.36 -11.07 10.75
C SER A 244 0.30 -11.83 11.90
N SER A 245 1.54 -12.26 11.69
CA SER A 245 2.27 -13.01 12.71
C SER A 245 2.56 -12.17 13.96
N THR A 246 2.88 -10.90 13.76
CA THR A 246 3.16 -10.02 14.87
C THR A 246 1.89 -9.76 15.68
N TYR A 247 0.79 -9.51 14.98
CA TYR A 247 -0.48 -9.26 15.66
C TYR A 247 -0.88 -10.49 16.47
N ALA A 248 -0.71 -11.67 15.89
CA ALA A 248 -1.06 -12.91 16.58
C ALA A 248 -0.12 -13.12 17.76
N ALA A 249 1.16 -12.78 17.57
CA ALA A 249 2.16 -12.94 18.62
C ALA A 249 1.81 -12.09 19.84
N VAL A 250 1.48 -10.81 19.61
CA VAL A 250 1.11 -9.92 20.70
C VAL A 250 -0.12 -10.46 21.41
N THR A 251 -1.11 -10.90 20.64
CA THR A 251 -2.32 -11.45 21.21
C THR A 251 -2.01 -12.65 22.09
N ASN A 252 -1.14 -13.53 21.59
CA ASN A 252 -0.77 -14.72 22.36
C ASN A 252 0.04 -14.37 23.61
N ASP A 253 0.76 -13.26 23.57
CA ASP A 253 1.53 -12.85 24.74
C ASP A 253 0.56 -12.52 25.88
N CYS A 254 -0.52 -11.82 25.55
CA CYS A 254 -1.51 -11.47 26.56
C CYS A 254 -2.20 -12.72 27.08
N LEU A 255 -2.53 -13.63 26.16
CA LEU A 255 -3.20 -14.87 26.53
C LEU A 255 -2.31 -15.77 27.40
N ALA A 256 -1.00 -15.60 27.29
CA ALA A 256 -0.05 -16.41 28.05
C ALA A 256 0.21 -15.85 29.45
N VAL A 257 -0.36 -14.70 29.75
CA VAL A 257 -0.16 -14.06 31.06
C VAL A 257 -1.52 -13.92 31.76
N SER A 258 -1.71 -14.70 32.82
CA SER A 258 -2.99 -14.69 33.54
C SER A 258 -3.42 -13.30 34.00
N ARG A 259 -2.45 -12.43 34.27
CA ARG A 259 -2.73 -11.06 34.71
C ARG A 259 -2.95 -10.04 33.59
N CYS A 260 -2.86 -10.49 32.33
CA CYS A 260 -3.09 -9.56 31.23
C CYS A 260 -4.60 -9.45 31.06
N LEU A 261 -5.13 -8.28 31.40
CA LEU A 261 -6.57 -8.01 31.36
C LEU A 261 -7.19 -8.00 29.97
N GLY A 262 -6.42 -7.55 28.98
CA GLY A 262 -6.95 -7.48 27.64
C GLY A 262 -6.07 -6.64 26.73
N ILE A 263 -6.50 -6.52 25.48
CA ILE A 263 -5.78 -5.79 24.46
C ILE A 263 -6.65 -4.75 23.78
N THR A 264 -6.11 -3.55 23.64
CA THR A 264 -6.81 -2.45 22.95
C THR A 264 -5.93 -2.03 21.78
N VAL A 265 -6.51 -1.89 20.59
CA VAL A 265 -5.77 -1.42 19.42
C VAL A 265 -6.10 0.07 19.31
N TRP A 266 -5.13 0.87 18.88
CA TRP A 266 -5.34 2.31 18.82
C TRP A 266 -6.11 2.82 17.59
N GLY A 267 -7.37 2.40 17.46
CA GLY A 267 -8.18 2.84 16.35
C GLY A 267 -8.97 1.73 15.72
N VAL A 268 -9.93 2.10 14.86
CA VAL A 268 -10.78 1.10 14.20
C VAL A 268 -10.25 0.73 12.81
N ARG A 269 -10.29 1.68 11.87
CA ARG A 269 -9.80 1.42 10.51
C ARG A 269 -8.46 2.12 10.30
N ASP A 270 -7.67 1.64 9.33
CA ASP A 270 -6.38 2.27 9.06
C ASP A 270 -6.54 3.76 8.80
N THR A 271 -7.63 4.13 8.15
CA THR A 271 -7.87 5.54 7.84
C THR A 271 -8.20 6.39 9.08
N ASP A 272 -8.51 5.73 10.18
CA ASP A 272 -8.82 6.43 11.43
C ASP A 272 -7.57 6.55 12.30
N SER A 273 -6.50 5.89 11.89
CA SER A 273 -5.25 5.88 12.66
C SER A 273 -4.46 7.17 12.68
N TRP A 274 -3.86 7.46 13.83
CA TRP A 274 -3.04 8.65 14.00
C TRP A 274 -1.80 8.48 13.12
N ARG A 275 -1.58 7.26 12.65
CA ARG A 275 -0.45 6.94 11.77
C ARG A 275 -0.96 6.06 10.63
N SER A 276 -1.94 6.58 9.89
CA SER A 276 -2.54 5.86 8.77
C SER A 276 -1.51 5.40 7.75
N GLY A 277 -0.44 6.17 7.61
CA GLY A 277 0.61 5.82 6.66
C GLY A 277 1.27 4.49 6.96
N ASP A 278 1.14 4.02 8.20
CA ASP A 278 1.73 2.74 8.59
C ASP A 278 0.70 1.61 8.52
N THR A 279 -0.49 1.90 7.99
CA THR A 279 -1.59 0.90 7.89
C THR A 279 -1.39 -0.13 8.99
N PRO A 280 -1.38 0.33 10.26
CA PRO A 280 -1.18 -0.48 11.44
C PRO A 280 -2.35 -1.12 12.19
N LEU A 281 -3.57 -0.98 11.67
CA LEU A 281 -4.73 -1.55 12.37
C LEU A 281 -5.28 -2.82 11.75
N LEU A 282 -6.44 -3.27 12.25
CA LEU A 282 -7.06 -4.52 11.79
C LEU A 282 -8.12 -4.42 10.69
N PHE A 283 -8.58 -3.20 10.39
CA PHE A 283 -9.58 -3.02 9.34
C PHE A 283 -9.08 -2.01 8.31
N ASN A 284 -9.42 -2.26 7.04
CA ASN A 284 -9.03 -1.37 5.96
C ASN A 284 -9.96 -0.16 5.94
N GLY A 285 -9.57 0.85 5.17
CA GLY A 285 -10.38 2.05 5.07
C GLY A 285 -11.79 1.78 4.58
N ASP A 286 -11.94 0.78 3.71
CA ASP A 286 -13.25 0.43 3.19
C ASP A 286 -14.04 -0.44 4.16
N GLY A 287 -13.46 -0.66 5.35
CA GLY A 287 -14.13 -1.45 6.38
C GLY A 287 -13.90 -2.95 6.35
N SER A 288 -13.15 -3.43 5.36
CA SER A 288 -12.90 -4.86 5.26
C SER A 288 -11.90 -5.36 6.29
N LYS A 289 -12.11 -6.58 6.77
CA LYS A 289 -11.21 -7.19 7.75
C LYS A 289 -9.88 -7.50 7.06
N LYS A 290 -8.78 -7.17 7.72
CA LYS A 290 -7.47 -7.43 7.15
C LYS A 290 -6.98 -8.82 7.53
N ALA A 291 -5.90 -9.27 6.90
CA ALA A 291 -5.35 -10.59 7.20
C ALA A 291 -5.07 -10.69 8.69
N ALA A 292 -4.55 -9.61 9.27
CA ALA A 292 -4.23 -9.58 10.69
C ALA A 292 -5.46 -9.78 11.58
N TYR A 293 -6.61 -9.30 11.14
CA TYR A 293 -7.83 -9.45 11.93
C TYR A 293 -8.09 -10.93 12.22
N THR A 294 -8.04 -11.74 11.17
CA THR A 294 -8.29 -13.17 11.33
C THR A 294 -7.19 -13.85 12.14
N ALA A 295 -5.97 -13.35 12.02
CA ALA A 295 -4.87 -13.92 12.79
C ALA A 295 -5.12 -13.69 14.28
N VAL A 296 -5.62 -12.51 14.62
CA VAL A 296 -5.92 -12.19 16.01
C VAL A 296 -7.12 -12.99 16.49
N LEU A 297 -8.17 -13.04 15.68
CA LEU A 297 -9.37 -13.78 16.03
C LEU A 297 -9.04 -15.26 16.28
N ASN A 298 -8.24 -15.86 15.41
CA ASN A 298 -7.89 -17.27 15.57
C ASN A 298 -7.12 -17.47 16.86
N ALA A 299 -6.24 -16.53 17.20
CA ALA A 299 -5.45 -16.64 18.41
C ALA A 299 -6.36 -16.57 19.64
N LEU A 300 -7.29 -15.62 19.63
CA LEU A 300 -8.21 -15.48 20.76
C LEU A 300 -9.08 -16.73 20.91
N ASN A 301 -9.39 -17.39 19.79
CA ASN A 301 -10.21 -18.59 19.82
C ASN A 301 -9.44 -19.87 20.16
N GLY A 302 -8.15 -19.75 20.42
CA GLY A 302 -7.37 -20.94 20.76
C GLY A 302 -6.30 -21.31 19.76
N GLY A 303 -6.32 -20.69 18.59
CA GLY A 303 -5.33 -20.98 17.58
C GLY A 303 -5.34 -22.43 17.15
N GLY A 313 4.19 -24.62 1.72
CA GLY A 313 3.57 -25.92 1.83
C GLY A 313 2.37 -26.06 0.92
N GLN A 314 1.77 -27.25 0.90
CA GLN A 314 0.60 -27.49 0.06
C GLN A 314 -0.69 -27.06 0.75
N ILE A 315 -1.69 -26.74 -0.08
CA ILE A 315 -3.00 -26.36 0.40
C ILE A 315 -3.94 -27.37 -0.24
N LYS A 316 -4.44 -28.31 0.56
CA LYS A 316 -5.31 -29.36 0.04
C LYS A 316 -6.79 -29.15 0.31
N GLY A 317 -7.61 -29.38 -0.72
CA GLY A 317 -9.04 -29.23 -0.56
C GLY A 317 -9.61 -30.40 0.22
N VAL A 318 -10.44 -30.09 1.21
CA VAL A 318 -11.05 -31.13 2.05
C VAL A 318 -12.00 -32.03 1.26
N GLY A 319 -12.88 -31.42 0.47
CA GLY A 319 -13.84 -32.20 -0.30
C GLY A 319 -13.25 -33.00 -1.45
N SER A 320 -12.14 -32.52 -2.02
CA SER A 320 -11.52 -33.20 -3.15
C SER A 320 -10.29 -34.03 -2.82
N GLY A 321 -9.57 -33.65 -1.78
CA GLY A 321 -8.37 -34.37 -1.43
C GLY A 321 -7.25 -33.98 -2.39
N ARG A 322 -7.50 -32.96 -3.20
CA ARG A 322 -6.51 -32.48 -4.16
C ARG A 322 -5.96 -31.11 -3.76
N CYS A 323 -4.76 -30.80 -4.28
CA CYS A 323 -4.06 -29.58 -3.94
C CYS A 323 -4.19 -28.37 -4.89
N LEU A 324 -4.07 -27.17 -4.32
CA LEU A 324 -4.14 -25.93 -5.09
C LEU A 324 -2.90 -25.99 -5.97
N ASP A 325 -3.12 -25.99 -7.28
CA ASP A 325 -2.06 -26.16 -8.26
C ASP A 325 -2.06 -25.15 -9.40
N VAL A 326 -0.87 -24.69 -9.80
CA VAL A 326 -0.77 -23.75 -10.91
C VAL A 326 -0.50 -24.62 -12.14
N PRO A 327 -1.46 -24.68 -13.08
CA PRO A 327 -1.38 -25.46 -14.31
C PRO A 327 -0.01 -25.49 -14.99
N ASN A 328 0.53 -26.70 -15.15
CA ASN A 328 1.82 -26.92 -15.80
C ASN A 328 2.95 -26.08 -15.23
N ALA A 329 2.82 -25.67 -13.96
CA ALA A 329 3.84 -24.88 -13.30
C ALA A 329 4.15 -23.61 -14.09
N SER A 330 3.12 -23.05 -14.71
CA SER A 330 3.29 -21.83 -15.48
C SER A 330 3.57 -20.67 -14.52
N THR A 331 4.30 -19.66 -15.00
CA THR A 331 4.62 -18.48 -14.21
C THR A 331 4.00 -17.27 -14.90
N THR A 332 3.15 -17.54 -15.88
CA THR A 332 2.49 -16.48 -16.64
C THR A 332 1.37 -15.80 -15.86
N ASP A 333 1.41 -14.47 -15.79
CA ASP A 333 0.37 -13.73 -15.09
C ASP A 333 -0.97 -14.01 -15.76
N GLY A 334 -2.01 -14.18 -14.95
CA GLY A 334 -3.33 -14.46 -15.50
C GLY A 334 -3.69 -15.92 -15.53
N THR A 335 -2.77 -16.79 -15.15
CA THR A 335 -3.03 -18.22 -15.16
C THR A 335 -3.95 -18.60 -13.99
N GLN A 336 -5.14 -19.11 -14.31
CA GLN A 336 -6.09 -19.51 -13.28
C GLN A 336 -5.62 -20.79 -12.59
N VAL A 337 -5.77 -20.83 -11.27
CA VAL A 337 -5.35 -22.00 -10.49
C VAL A 337 -6.40 -23.10 -10.52
N GLN A 338 -5.96 -24.32 -10.22
CA GLN A 338 -6.84 -25.48 -10.27
C GLN A 338 -6.56 -26.45 -9.11
N LEU A 339 -7.34 -27.52 -9.09
CA LEU A 339 -7.16 -28.57 -8.10
C LEU A 339 -6.39 -29.65 -8.86
N TYR A 340 -5.47 -30.34 -8.20
CA TYR A 340 -4.72 -31.40 -8.85
C TYR A 340 -4.12 -32.34 -7.83
N ASP A 341 -3.96 -33.60 -8.22
CA ASP A 341 -3.37 -34.60 -7.33
C ASP A 341 -2.14 -34.00 -6.68
N CYS A 342 -2.04 -34.14 -5.36
CA CYS A 342 -0.92 -33.59 -4.63
C CYS A 342 0.40 -34.30 -4.88
N HIS A 343 1.46 -33.52 -5.11
CA HIS A 343 2.79 -34.05 -5.31
C HIS A 343 3.81 -32.97 -5.03
N SER A 344 5.06 -33.38 -4.80
CA SER A 344 6.12 -32.44 -4.50
C SER A 344 6.56 -31.69 -5.74
N ALA A 345 6.04 -30.48 -5.90
CA ALA A 345 6.35 -29.63 -7.03
C ALA A 345 6.19 -28.17 -6.60
N THR A 346 7.02 -27.30 -7.15
CA THR A 346 6.98 -25.89 -6.81
C THR A 346 5.63 -25.23 -7.10
N ASN A 347 4.91 -25.73 -8.11
CA ASN A 347 3.62 -25.14 -8.45
C ASN A 347 2.49 -25.52 -7.49
N GLN A 348 2.86 -26.17 -6.39
CA GLN A 348 1.87 -26.55 -5.36
C GLN A 348 2.36 -26.11 -3.98
N GLN A 349 3.49 -25.40 -3.95
CA GLN A 349 4.06 -24.92 -2.70
C GLN A 349 3.71 -23.45 -2.47
N TRP A 350 2.78 -23.21 -1.55
CA TRP A 350 2.33 -21.86 -1.24
C TRP A 350 2.85 -21.39 0.11
N THR A 351 3.25 -20.12 0.17
CA THR A 351 3.76 -19.53 1.39
C THR A 351 2.86 -18.37 1.82
N TYR A 352 2.31 -18.45 3.03
CA TYR A 352 1.46 -17.38 3.54
C TYR A 352 2.38 -16.38 4.21
N THR A 353 2.32 -15.12 3.78
CA THR A 353 3.17 -14.08 4.34
C THR A 353 2.47 -13.25 5.40
N ASP A 354 3.24 -12.46 6.14
CA ASP A 354 2.66 -11.62 7.18
C ASP A 354 1.69 -10.61 6.60
N ALA A 355 1.88 -10.26 5.33
CA ALA A 355 1.02 -9.31 4.66
C ALA A 355 -0.31 -9.95 4.24
N GLY A 356 -0.39 -11.27 4.33
CA GLY A 356 -1.61 -11.97 3.97
C GLY A 356 -1.64 -12.55 2.57
N GLU A 357 -0.49 -12.59 1.92
CA GLU A 357 -0.42 -13.14 0.56
C GLU A 357 -0.19 -14.65 0.60
N LEU A 358 -0.53 -15.30 -0.50
CA LEU A 358 -0.27 -16.72 -0.65
C LEU A 358 0.64 -16.72 -1.87
N ARG A 359 1.95 -16.80 -1.60
CA ARG A 359 2.95 -16.77 -2.65
C ARG A 359 3.36 -18.12 -3.20
N VAL A 360 3.71 -18.12 -4.48
CA VAL A 360 4.18 -19.30 -5.18
C VAL A 360 5.35 -18.84 -6.07
N TYR A 361 6.35 -19.70 -6.22
CA TYR A 361 7.53 -19.38 -7.02
C TYR A 361 8.37 -18.24 -6.41
N GLY A 362 7.96 -17.76 -5.25
CA GLY A 362 8.72 -16.70 -4.61
C GLY A 362 8.20 -15.29 -4.82
N ASP A 363 7.80 -14.94 -6.05
CA ASP A 363 7.31 -13.58 -6.30
C ASP A 363 5.99 -13.52 -7.09
N LYS A 364 5.23 -14.60 -7.07
CA LYS A 364 3.93 -14.63 -7.73
C LYS A 364 2.91 -14.76 -6.61
N CYS A 365 1.75 -14.13 -6.78
CA CYS A 365 0.71 -14.12 -5.75
C CYS A 365 -0.66 -14.62 -6.16
N LEU A 366 -1.33 -15.35 -5.26
CA LEU A 366 -2.68 -15.84 -5.52
C LEU A 366 -3.42 -14.52 -5.69
N ASP A 367 -4.09 -14.38 -6.84
CA ASP A 367 -4.74 -13.12 -7.20
C ASP A 367 -6.19 -13.27 -7.63
N ALA A 368 -7.04 -12.36 -7.17
CA ALA A 368 -8.45 -12.38 -7.56
C ALA A 368 -8.66 -11.24 -8.55
N ALA A 369 -9.13 -11.60 -9.75
CA ALA A 369 -9.37 -10.62 -10.80
C ALA A 369 -10.80 -10.06 -10.74
N GLY A 370 -11.20 -9.61 -9.56
CA GLY A 370 -12.54 -9.07 -9.40
C GLY A 370 -13.03 -9.29 -7.98
N THR A 371 -14.28 -8.89 -7.70
CA THR A 371 -14.84 -9.04 -6.36
C THR A 371 -16.15 -9.81 -6.25
N GLY A 372 -16.72 -10.24 -7.37
CA GLY A 372 -17.98 -10.96 -7.30
C GLY A 372 -17.90 -12.47 -7.47
N ASN A 373 -19.03 -13.14 -7.25
CA ASN A 373 -19.08 -14.59 -7.41
C ASN A 373 -18.62 -14.95 -8.80
N GLY A 374 -17.86 -16.05 -8.90
CA GLY A 374 -17.38 -16.49 -10.19
C GLY A 374 -16.08 -15.85 -10.60
N THR A 375 -15.57 -14.95 -9.77
CA THR A 375 -14.31 -14.28 -10.09
C THR A 375 -13.20 -15.32 -10.16
N LYS A 376 -12.41 -15.23 -11.22
CA LYS A 376 -11.31 -16.14 -11.44
C LYS A 376 -10.17 -15.90 -10.44
N VAL A 377 -9.66 -16.98 -9.84
CA VAL A 377 -8.54 -16.89 -8.91
C VAL A 377 -7.34 -17.36 -9.73
N GLN A 378 -6.30 -16.55 -9.76
CA GLN A 378 -5.12 -16.81 -10.60
C GLN A 378 -3.83 -16.39 -9.91
N ILE A 379 -2.75 -16.34 -10.69
CA ILE A 379 -1.48 -15.87 -10.17
C ILE A 379 -1.16 -14.57 -10.90
N TYR A 380 -0.47 -13.67 -10.22
CA TYR A 380 -0.08 -12.38 -10.79
C TYR A 380 1.08 -11.89 -9.94
N SER A 381 1.90 -11.01 -10.52
CA SER A 381 3.05 -10.46 -9.80
C SER A 381 2.58 -9.89 -8.47
N CYS A 382 3.32 -10.17 -7.39
CA CYS A 382 2.95 -9.65 -6.08
C CYS A 382 3.19 -8.15 -6.01
N TRP A 383 2.19 -7.40 -5.52
CA TRP A 383 2.34 -5.96 -5.38
C TRP A 383 1.64 -5.38 -4.14
N GLY A 384 0.91 -6.22 -3.41
CA GLY A 384 0.26 -5.74 -2.20
C GLY A 384 -1.21 -5.37 -2.28
N GLY A 385 -1.85 -5.60 -3.41
CA GLY A 385 -3.26 -5.27 -3.54
C GLY A 385 -4.11 -6.11 -2.58
N ASP A 386 -5.25 -5.58 -2.14
CA ASP A 386 -6.10 -6.33 -1.23
C ASP A 386 -6.71 -7.54 -1.92
N ASN A 387 -6.65 -7.56 -3.25
CA ASN A 387 -7.18 -8.68 -4.03
C ASN A 387 -6.10 -9.78 -4.09
N GLN A 388 -5.00 -9.55 -3.40
CA GLN A 388 -3.92 -10.53 -3.33
C GLN A 388 -3.69 -10.90 -1.87
N LYS A 389 -4.59 -10.45 -1.00
CA LYS A 389 -4.46 -10.73 0.42
C LYS A 389 -5.58 -11.64 0.87
N TRP A 390 -5.25 -12.59 1.74
CA TRP A 390 -6.20 -13.58 2.20
C TRP A 390 -6.23 -13.79 3.70
N ARG A 391 -7.38 -14.22 4.19
CA ARG A 391 -7.58 -14.51 5.61
C ARG A 391 -7.76 -16.01 5.76
N LEU A 392 -6.91 -16.63 6.59
CA LEU A 392 -6.98 -18.07 6.80
C LEU A 392 -7.80 -18.38 8.04
N ASN A 393 -9.09 -18.67 7.84
CA ASN A 393 -9.96 -18.99 8.96
C ASN A 393 -9.62 -20.33 9.59
N SER A 394 -9.93 -20.47 10.87
CA SER A 394 -9.65 -21.70 11.60
C SER A 394 -10.54 -22.83 11.09
N ASP A 395 -11.68 -22.48 10.51
CA ASP A 395 -12.62 -23.47 10.00
C ASP A 395 -12.16 -24.05 8.67
N GLY A 396 -11.00 -23.61 8.19
CA GLY A 396 -10.45 -24.11 6.94
C GLY A 396 -10.76 -23.29 5.71
N SER A 397 -11.60 -22.27 5.84
CA SER A 397 -11.94 -21.44 4.70
C SER A 397 -10.87 -20.36 4.47
N ILE A 398 -10.73 -19.94 3.23
CA ILE A 398 -9.77 -18.91 2.86
C ILE A 398 -10.55 -17.79 2.21
N VAL A 399 -10.58 -16.64 2.87
CA VAL A 399 -11.35 -15.48 2.41
C VAL A 399 -10.52 -14.34 1.83
N GLY A 400 -10.94 -13.86 0.66
CA GLY A 400 -10.23 -12.75 0.05
C GLY A 400 -10.52 -11.48 0.84
N VAL A 401 -9.48 -10.72 1.15
CA VAL A 401 -9.64 -9.49 1.93
C VAL A 401 -10.54 -8.47 1.23
N GLN A 402 -10.18 -8.12 0.01
CA GLN A 402 -10.96 -7.14 -0.74
C GLN A 402 -12.40 -7.55 -1.00
N SER A 403 -12.59 -8.80 -1.43
CA SER A 403 -13.92 -9.30 -1.78
C SER A 403 -14.80 -9.83 -0.65
N GLY A 404 -14.17 -10.41 0.38
CA GLY A 404 -14.97 -10.98 1.45
C GLY A 404 -15.56 -12.29 0.98
N LEU A 405 -15.04 -12.82 -0.12
CA LEU A 405 -15.52 -14.09 -0.69
C LEU A 405 -14.51 -15.22 -0.44
N CYS A 406 -14.99 -16.45 -0.49
CA CYS A 406 -14.17 -17.64 -0.25
C CYS A 406 -13.57 -18.31 -1.49
N LEU A 407 -12.39 -18.92 -1.31
CA LEU A 407 -11.77 -19.66 -2.40
C LEU A 407 -12.75 -20.81 -2.58
N ASP A 408 -13.11 -21.10 -3.82
CA ASP A 408 -14.11 -22.12 -4.10
C ASP A 408 -13.79 -22.96 -5.33
N ALA A 409 -13.87 -24.28 -5.19
CA ALA A 409 -13.64 -25.17 -6.31
C ALA A 409 -14.94 -25.17 -7.10
N VAL A 410 -14.89 -24.65 -8.32
CA VAL A 410 -16.03 -24.51 -9.20
C VAL A 410 -16.97 -25.71 -9.30
N GLY A 411 -18.26 -25.45 -9.07
CA GLY A 411 -19.27 -26.49 -9.14
C GLY A 411 -19.10 -27.60 -8.14
N GLY A 412 -18.27 -27.38 -7.12
CA GLY A 412 -18.04 -28.42 -6.13
C GLY A 412 -17.21 -29.53 -6.75
N GLY A 413 -16.57 -29.23 -7.87
CA GLY A 413 -15.74 -30.20 -8.56
C GLY A 413 -14.63 -30.74 -7.68
N THR A 414 -14.26 -32.00 -7.91
CA THR A 414 -13.20 -32.63 -7.14
C THR A 414 -12.11 -33.23 -8.01
N ALA A 415 -12.38 -33.32 -9.31
CA ALA A 415 -11.43 -33.91 -10.25
C ALA A 415 -10.27 -32.98 -10.60
N ASN A 416 -9.20 -33.56 -11.16
CA ASN A 416 -8.05 -32.77 -11.57
C ASN A 416 -8.56 -31.78 -12.61
N GLY A 417 -8.04 -30.56 -12.58
CA GLY A 417 -8.47 -29.57 -13.54
C GLY A 417 -9.63 -28.70 -13.08
N THR A 418 -10.21 -29.02 -11.93
CA THR A 418 -11.31 -28.21 -11.42
C THR A 418 -10.71 -26.84 -11.13
N LEU A 419 -11.32 -25.78 -11.68
CA LEU A 419 -10.82 -24.43 -11.50
C LEU A 419 -11.24 -23.80 -10.18
N ILE A 420 -10.48 -22.80 -9.75
CA ILE A 420 -10.75 -22.10 -8.50
C ILE A 420 -11.31 -20.70 -8.76
N GLN A 421 -12.36 -20.35 -8.03
CA GLN A 421 -13.01 -19.06 -8.18
C GLN A 421 -13.33 -18.49 -6.81
N LEU A 422 -13.87 -17.27 -6.79
CA LEU A 422 -14.29 -16.63 -5.55
C LEU A 422 -15.79 -16.91 -5.48
N TYR A 423 -16.32 -17.12 -4.28
CA TYR A 423 -17.76 -17.35 -4.13
C TYR A 423 -18.21 -17.17 -2.70
N SER A 424 -19.47 -16.77 -2.53
CA SER A 424 -20.04 -16.56 -1.21
C SER A 424 -19.63 -17.74 -0.33
N CYS A 425 -19.07 -17.45 0.84
CA CYS A 425 -18.64 -18.51 1.74
C CYS A 425 -19.84 -19.36 2.14
N SER A 426 -19.66 -20.68 2.09
CA SER A 426 -20.74 -21.61 2.39
C SER A 426 -20.43 -22.70 3.39
N ASN A 427 -19.19 -22.78 3.86
CA ASN A 427 -18.79 -23.82 4.80
C ASN A 427 -18.80 -25.17 4.08
N GLY A 428 -18.90 -25.12 2.75
CA GLY A 428 -18.90 -26.33 1.95
C GLY A 428 -17.51 -26.94 1.91
N SER A 429 -17.44 -28.25 1.65
CA SER A 429 -16.14 -28.92 1.61
C SER A 429 -15.28 -28.45 0.44
N ASN A 430 -15.91 -27.82 -0.55
CA ASN A 430 -15.18 -27.33 -1.71
C ASN A 430 -14.68 -25.91 -1.43
N GLN A 431 -14.83 -25.49 -0.18
CA GLN A 431 -14.38 -24.18 0.28
C GLN A 431 -13.51 -24.32 1.54
N ARG A 432 -13.22 -25.56 1.91
CA ARG A 432 -12.40 -25.81 3.09
C ARG A 432 -11.05 -26.39 2.67
N TRP A 433 -9.98 -25.93 3.31
CA TRP A 433 -8.64 -26.37 2.96
C TRP A 433 -7.79 -26.68 4.18
N THR A 434 -6.78 -27.52 3.99
CA THR A 434 -5.87 -27.89 5.07
C THR A 434 -4.43 -27.69 4.56
N ARG A 435 -3.62 -27.00 5.35
CA ARG A 435 -2.24 -26.74 4.94
C ARG A 435 -1.33 -27.91 5.31
N THR A 436 -0.56 -28.38 4.33
CA THR A 436 0.37 -29.47 4.51
C THR A 436 1.79 -28.97 4.29
N ALA B 1 20.93 12.33 -22.82
CA ALA B 1 21.86 11.70 -21.85
C ALA B 1 21.55 10.22 -21.67
N GLU B 2 21.62 9.77 -20.42
CA GLU B 2 21.36 8.36 -20.09
C GLU B 2 20.78 8.27 -18.68
N SER B 3 20.51 9.42 -18.08
CA SER B 3 19.99 9.46 -16.72
C SER B 3 18.50 9.76 -16.61
N THR B 4 17.85 10.04 -17.75
CA THR B 4 16.42 10.32 -17.76
C THR B 4 15.74 9.40 -18.78
N LEU B 5 14.44 9.14 -18.60
CA LEU B 5 13.72 8.27 -19.50
C LEU B 5 13.73 8.75 -20.95
N GLY B 6 13.42 10.02 -21.15
CA GLY B 6 13.39 10.56 -22.50
C GLY B 6 14.73 10.48 -23.20
N ALA B 7 15.80 10.85 -22.49
CA ALA B 7 17.14 10.82 -23.07
C ALA B 7 17.57 9.40 -23.40
N ALA B 8 17.25 8.46 -22.51
CA ALA B 8 17.62 7.06 -22.73
C ALA B 8 16.88 6.51 -23.96
N ALA B 9 15.59 6.80 -24.05
CA ALA B 9 14.79 6.34 -25.17
C ALA B 9 15.36 6.91 -26.48
N ALA B 10 15.82 8.16 -26.43
CA ALA B 10 16.38 8.80 -27.61
C ALA B 10 17.61 8.07 -28.14
N GLN B 11 18.24 7.26 -27.28
CA GLN B 11 19.43 6.50 -27.68
C GLN B 11 19.06 5.39 -28.67
N SER B 12 17.77 5.15 -28.87
CA SER B 12 17.34 4.15 -29.83
C SER B 12 16.39 4.83 -30.82
N GLY B 13 16.44 6.16 -30.84
CA GLY B 13 15.60 6.94 -31.75
C GLY B 13 14.14 6.98 -31.34
N ARG B 14 13.87 6.69 -30.07
CA ARG B 14 12.51 6.68 -29.58
C ARG B 14 12.24 7.77 -28.54
N TYR B 15 10.98 7.90 -28.15
CA TYR B 15 10.62 8.89 -27.15
C TYR B 15 10.02 8.18 -25.96
N PHE B 16 9.95 8.87 -24.83
CA PHE B 16 9.30 8.32 -23.65
C PHE B 16 8.48 9.49 -23.15
N GLY B 17 7.15 9.35 -23.20
CA GLY B 17 6.30 10.43 -22.79
C GLY B 17 5.39 10.16 -21.61
N THR B 18 4.56 11.14 -21.30
CA THR B 18 3.62 11.00 -20.21
C THR B 18 2.34 11.75 -20.55
N ALA B 19 1.32 11.57 -19.72
CA ALA B 19 0.04 12.24 -19.88
C ALA B 19 0.13 13.42 -18.93
N ILE B 20 -0.12 14.62 -19.43
CA ILE B 20 -0.07 15.82 -18.59
C ILE B 20 -1.47 16.34 -18.30
N ALA B 21 -1.70 16.74 -17.06
CA ALA B 21 -2.99 17.31 -16.65
C ALA B 21 -2.75 18.79 -16.40
N SER B 22 -3.46 19.63 -17.14
CA SER B 22 -3.32 21.08 -17.03
C SER B 22 -3.50 21.58 -15.60
N GLY B 23 -4.42 20.96 -14.86
CA GLY B 23 -4.68 21.38 -13.49
C GLY B 23 -3.56 21.11 -12.51
N LYS B 24 -2.54 20.36 -12.94
CA LYS B 24 -1.42 20.03 -12.07
C LYS B 24 -0.15 20.81 -12.42
N LEU B 25 -0.18 21.57 -13.50
CA LEU B 25 0.99 22.33 -13.94
C LEU B 25 1.45 23.41 -12.98
N GLY B 26 0.62 23.71 -11.98
CA GLY B 26 0.99 24.73 -11.01
C GLY B 26 1.76 24.11 -9.85
N ASP B 27 1.88 22.78 -9.89
CA ASP B 27 2.60 22.00 -8.87
C ASP B 27 4.06 21.87 -9.29
N SER B 28 4.95 22.57 -8.59
CA SER B 28 6.38 22.52 -8.92
C SER B 28 6.98 21.12 -8.90
N ALA B 29 6.55 20.29 -7.97
CA ALA B 29 7.08 18.93 -7.89
C ALA B 29 6.69 18.16 -9.14
N TYR B 30 5.45 18.36 -9.57
CA TYR B 30 4.91 17.70 -10.76
C TYR B 30 5.64 18.12 -12.04
N THR B 31 5.77 19.43 -12.27
CA THR B 31 6.45 19.91 -13.46
C THR B 31 7.95 19.62 -13.49
N THR B 32 8.58 19.61 -12.32
CA THR B 32 10.02 19.32 -12.28
C THR B 32 10.26 17.90 -12.82
N ILE B 33 9.48 16.94 -12.33
CA ILE B 33 9.62 15.56 -12.78
C ILE B 33 9.23 15.42 -14.25
N ALA B 34 8.07 15.94 -14.61
CA ALA B 34 7.57 15.85 -15.98
C ALA B 34 8.49 16.47 -17.02
N SER B 35 9.02 17.66 -16.73
CA SER B 35 9.90 18.31 -17.68
C SER B 35 11.23 17.58 -17.83
N ARG B 36 11.76 17.07 -16.72
CA ARG B 36 13.03 16.38 -16.71
C ARG B 36 13.06 15.00 -17.37
N GLU B 37 12.02 14.21 -17.13
CA GLU B 37 11.96 12.83 -17.62
C GLU B 37 11.36 12.48 -18.98
N PHE B 38 10.47 13.33 -19.49
CA PHE B 38 9.77 13.02 -20.73
C PHE B 38 10.02 13.96 -21.91
N ASN B 39 10.02 13.40 -23.11
CA ASN B 39 10.19 14.23 -24.31
C ASN B 39 8.99 14.14 -25.24
N MET B 40 7.87 13.62 -24.72
CA MET B 40 6.64 13.52 -25.47
C MET B 40 5.50 13.75 -24.46
N VAL B 41 4.49 14.50 -24.89
CA VAL B 41 3.37 14.82 -24.01
C VAL B 41 2.02 14.57 -24.66
N THR B 42 1.10 14.01 -23.87
CA THR B 42 -0.26 13.77 -24.31
C THR B 42 -1.13 14.49 -23.28
N ALA B 43 -2.13 15.23 -23.73
CA ALA B 43 -3.03 15.91 -22.79
C ALA B 43 -3.93 14.81 -22.23
N GLU B 44 -4.03 14.73 -20.91
CA GLU B 44 -4.85 13.68 -20.30
C GLU B 44 -6.34 13.78 -20.63
N ASN B 45 -6.86 15.01 -20.70
CA ASN B 45 -8.28 15.23 -20.99
C ASN B 45 -8.57 16.47 -21.83
N GLU B 46 -7.62 17.40 -21.83
CA GLU B 46 -7.74 18.69 -22.51
C GLU B 46 -7.95 18.73 -24.02
N MET B 47 -7.69 17.64 -24.72
CA MET B 47 -7.89 17.63 -26.16
C MET B 47 -9.01 16.70 -26.59
N LYS B 48 -9.79 16.23 -25.61
CA LYS B 48 -10.92 15.35 -25.89
C LYS B 48 -12.07 16.18 -26.45
N ILE B 49 -13.11 15.52 -26.93
CA ILE B 49 -14.24 16.23 -27.55
C ILE B 49 -14.93 17.27 -26.68
N ASP B 50 -15.29 16.91 -25.46
CA ASP B 50 -15.99 17.86 -24.60
C ASP B 50 -15.13 19.07 -24.25
N ALA B 51 -13.83 18.87 -24.11
CA ALA B 51 -12.92 19.96 -23.77
C ALA B 51 -12.62 20.91 -24.94
N THR B 52 -12.74 20.41 -26.17
CA THR B 52 -12.44 21.22 -27.35
C THR B 52 -13.64 21.78 -28.12
N GLU B 53 -14.82 21.22 -27.89
CA GLU B 53 -16.03 21.70 -28.55
C GLU B 53 -17.19 21.56 -27.58
N PRO B 54 -17.21 22.42 -26.54
CA PRO B 54 -18.23 22.45 -25.49
C PRO B 54 -19.67 22.59 -25.98
N GLN B 55 -19.85 23.26 -27.11
CA GLN B 55 -21.17 23.44 -27.72
C GLN B 55 -20.97 23.15 -29.20
N ARG B 56 -22.01 22.71 -29.88
CA ARG B 56 -21.87 22.39 -31.29
C ARG B 56 -21.43 23.58 -32.12
N GLY B 57 -20.27 23.43 -32.78
CA GLY B 57 -19.75 24.50 -33.60
C GLY B 57 -18.97 25.55 -32.85
N GLN B 58 -18.90 25.42 -31.53
CA GLN B 58 -18.17 26.36 -30.70
C GLN B 58 -16.93 25.67 -30.14
N PHE B 59 -15.77 25.95 -30.74
CA PHE B 59 -14.52 25.35 -30.30
C PHE B 59 -13.86 26.15 -29.21
N ASN B 60 -13.13 25.46 -28.35
CA ASN B 60 -12.45 26.09 -27.22
C ASN B 60 -11.14 25.35 -26.99
N PHE B 61 -10.01 26.07 -27.10
CA PHE B 61 -8.71 25.43 -26.94
C PHE B 61 -7.88 25.93 -25.77
N SER B 62 -8.50 26.66 -24.85
CA SER B 62 -7.77 27.17 -23.70
C SER B 62 -7.08 26.05 -22.92
N ALA B 63 -7.82 25.01 -22.57
CA ALA B 63 -7.25 23.89 -21.82
C ALA B 63 -6.18 23.15 -22.59
N GLY B 64 -6.49 22.81 -23.85
CA GLY B 64 -5.54 22.10 -24.67
C GLY B 64 -4.27 22.90 -24.92
N ASP B 65 -4.41 24.21 -25.11
CA ASP B 65 -3.25 25.05 -25.36
C ASP B 65 -2.36 25.21 -24.13
N ARG B 66 -2.93 25.12 -22.93
CA ARG B 66 -2.13 25.23 -21.71
C ARG B 66 -1.16 24.05 -21.70
N VAL B 67 -1.65 22.88 -22.07
CA VAL B 67 -0.81 21.68 -22.12
C VAL B 67 0.17 21.75 -23.27
N TYR B 68 -0.32 22.13 -24.45
CA TYR B 68 0.53 22.24 -25.63
C TYR B 68 1.68 23.22 -25.42
N ASN B 69 1.37 24.42 -24.92
CA ASN B 69 2.39 25.44 -24.69
C ASN B 69 3.45 24.97 -23.69
N TRP B 70 3.02 24.30 -22.63
CA TRP B 70 3.95 23.81 -21.63
C TRP B 70 4.88 22.78 -22.26
N ALA B 71 4.31 21.87 -23.05
CA ALA B 71 5.10 20.84 -23.71
C ALA B 71 6.19 21.43 -24.60
N VAL B 72 5.81 22.32 -25.51
CA VAL B 72 6.78 22.91 -26.42
C VAL B 72 7.80 23.77 -25.69
N GLN B 73 7.36 24.47 -24.65
CA GLN B 73 8.27 25.32 -23.87
C GLN B 73 9.33 24.45 -23.20
N ASN B 74 8.97 23.20 -22.93
CA ASN B 74 9.89 22.29 -22.27
C ASN B 74 10.50 21.26 -23.22
N GLY B 75 10.49 21.58 -24.51
CA GLY B 75 11.08 20.73 -25.52
C GLY B 75 10.47 19.37 -25.82
N LYS B 76 9.16 19.23 -25.64
CA LYS B 76 8.51 17.96 -25.92
C LYS B 76 7.60 18.03 -27.14
N GLN B 77 7.45 16.90 -27.81
CA GLN B 77 6.54 16.83 -28.94
C GLN B 77 5.20 16.49 -28.30
N VAL B 78 4.13 16.54 -29.06
CA VAL B 78 2.80 16.27 -28.52
C VAL B 78 1.97 15.26 -29.31
N ARG B 79 1.27 14.39 -28.59
CA ARG B 79 0.37 13.42 -29.22
C ARG B 79 -1.02 13.97 -28.93
N GLY B 80 -1.85 14.09 -29.95
CA GLY B 80 -3.20 14.59 -29.77
C GLY B 80 -4.13 13.45 -29.38
N HIS B 81 -4.92 13.64 -28.34
CA HIS B 81 -5.84 12.61 -27.83
C HIS B 81 -7.14 13.27 -27.36
N THR B 82 -8.29 12.99 -27.98
CA THR B 82 -8.48 12.10 -29.13
C THR B 82 -9.65 12.72 -29.91
N LEU B 83 -9.67 12.56 -31.23
CA LEU B 83 -10.67 13.21 -32.08
C LEU B 83 -12.08 12.64 -32.25
N ALA B 84 -12.20 11.33 -32.34
CA ALA B 84 -13.51 10.74 -32.53
C ALA B 84 -13.64 9.44 -31.74
N TRP B 85 -14.55 9.45 -30.76
CA TRP B 85 -14.79 8.27 -29.94
C TRP B 85 -16.08 8.44 -29.14
N HIS B 86 -16.51 7.35 -28.51
CA HIS B 86 -17.77 7.35 -27.76
C HIS B 86 -17.73 7.90 -26.35
N SER B 87 -16.55 7.96 -25.75
CA SER B 87 -16.43 8.41 -24.38
C SER B 87 -16.18 9.91 -24.18
N GLN B 88 -16.62 10.41 -23.02
CA GLN B 88 -16.46 11.81 -22.66
C GLN B 88 -16.99 12.77 -23.71
N GLN B 89 -18.07 12.38 -24.37
CA GLN B 89 -18.66 13.26 -25.38
C GLN B 89 -19.46 14.33 -24.67
N PRO B 90 -19.49 15.55 -25.22
CA PRO B 90 -20.26 16.60 -24.57
C PRO B 90 -21.74 16.20 -24.73
N GLY B 91 -22.60 16.72 -23.86
CA GLY B 91 -24.01 16.39 -23.94
C GLY B 91 -24.63 16.57 -25.32
N TRP B 92 -24.28 17.65 -26.01
CA TRP B 92 -24.85 17.90 -27.33
C TRP B 92 -24.52 16.83 -28.35
N MET B 93 -23.36 16.18 -28.20
CA MET B 93 -23.00 15.13 -29.14
C MET B 93 -23.62 13.80 -28.74
N GLN B 94 -23.76 13.58 -27.43
CA GLN B 94 -24.36 12.35 -26.94
C GLN B 94 -25.78 12.20 -27.50
N SER B 95 -26.42 13.34 -27.73
CA SER B 95 -27.80 13.38 -28.25
C SER B 95 -27.90 13.15 -29.76
N LEU B 96 -26.76 13.05 -30.44
CA LEU B 96 -26.78 12.87 -31.89
C LEU B 96 -26.70 11.43 -32.36
N SER B 97 -27.24 11.19 -33.56
CA SER B 97 -27.23 9.87 -34.18
C SER B 97 -27.32 10.05 -35.69
N GLY B 98 -27.08 8.97 -36.43
CA GLY B 98 -27.18 9.03 -37.88
C GLY B 98 -26.33 10.08 -38.58
N SER B 99 -26.84 10.57 -39.69
CA SER B 99 -26.13 11.56 -40.50
C SER B 99 -25.76 12.83 -39.74
N THR B 100 -26.61 13.26 -38.82
CA THR B 100 -26.31 14.47 -38.06
C THR B 100 -25.05 14.27 -37.22
N LEU B 101 -24.93 13.10 -36.60
CA LEU B 101 -23.76 12.80 -35.78
C LEU B 101 -22.54 12.67 -36.69
N ARG B 102 -22.72 12.02 -37.84
CA ARG B 102 -21.62 11.81 -38.77
C ARG B 102 -21.00 13.15 -39.18
N GLN B 103 -21.83 14.13 -39.53
CA GLN B 103 -21.30 15.42 -39.93
C GLN B 103 -20.65 16.14 -38.76
N ALA B 104 -21.23 15.97 -37.56
CA ALA B 104 -20.68 16.62 -36.37
C ALA B 104 -19.30 16.03 -36.08
N MET B 105 -19.14 14.73 -36.32
CA MET B 105 -17.86 14.06 -36.10
C MET B 105 -16.82 14.67 -37.02
N ILE B 106 -17.19 14.81 -38.29
CA ILE B 106 -16.32 15.38 -39.30
C ILE B 106 -15.98 16.83 -38.95
N ASP B 107 -16.99 17.62 -38.59
CA ASP B 107 -16.77 19.01 -38.24
C ASP B 107 -15.82 19.14 -37.05
N HIS B 108 -15.97 18.26 -36.07
CA HIS B 108 -15.12 18.30 -34.89
C HIS B 108 -13.66 18.01 -35.28
N ILE B 109 -13.45 16.99 -36.10
CA ILE B 109 -12.10 16.65 -36.54
C ILE B 109 -11.45 17.85 -37.24
N ASN B 110 -12.17 18.44 -38.18
CA ASN B 110 -11.64 19.58 -38.92
C ASN B 110 -11.30 20.77 -38.02
N GLY B 111 -12.17 21.03 -37.04
CA GLY B 111 -11.95 22.16 -36.15
C GLY B 111 -10.74 22.01 -35.24
N VAL B 112 -10.62 20.86 -34.59
CA VAL B 112 -9.51 20.62 -33.69
C VAL B 112 -8.17 20.47 -34.42
N MET B 113 -8.14 19.67 -35.48
CA MET B 113 -6.89 19.50 -36.20
C MET B 113 -6.44 20.79 -36.88
N GLY B 114 -7.42 21.60 -37.27
CA GLY B 114 -7.10 22.86 -37.92
C GLY B 114 -6.39 23.80 -36.97
N HIS B 115 -6.84 23.83 -35.72
CA HIS B 115 -6.24 24.69 -34.69
C HIS B 115 -4.79 24.30 -34.42
N TYR B 116 -4.52 23.00 -34.44
CA TYR B 116 -3.18 22.47 -34.16
C TYR B 116 -2.41 22.04 -35.39
N LYS B 117 -2.89 22.41 -36.57
CA LYS B 117 -2.26 22.01 -37.83
C LYS B 117 -0.74 22.18 -37.87
N GLY B 118 -0.05 21.08 -38.15
CA GLY B 118 1.39 21.09 -38.26
C GLY B 118 2.17 21.09 -36.96
N LYS B 119 1.47 21.05 -35.84
CA LYS B 119 2.13 21.08 -34.54
C LYS B 119 2.00 19.80 -33.73
N ILE B 120 1.33 18.80 -34.28
CA ILE B 120 1.10 17.54 -33.59
C ILE B 120 1.83 16.37 -34.27
N ALA B 121 2.63 15.64 -33.50
CA ALA B 121 3.39 14.51 -34.04
C ALA B 121 2.50 13.33 -34.40
N GLN B 122 1.57 13.01 -33.50
CA GLN B 122 0.63 11.91 -33.69
C GLN B 122 -0.74 12.29 -33.17
N TRP B 123 -1.79 11.90 -33.89
CA TRP B 123 -3.15 12.16 -33.47
C TRP B 123 -3.87 10.83 -33.29
N ASP B 124 -4.52 10.64 -32.15
CA ASP B 124 -5.31 9.43 -31.95
C ASP B 124 -6.61 9.88 -32.60
N VAL B 125 -6.77 9.57 -33.89
CA VAL B 125 -7.97 9.99 -34.62
C VAL B 125 -9.23 9.31 -34.10
N VAL B 126 -9.15 7.99 -33.91
CA VAL B 126 -10.27 7.22 -33.40
C VAL B 126 -9.74 6.35 -32.25
N SER B 127 -10.53 6.24 -31.19
CA SER B 127 -10.16 5.45 -30.02
C SER B 127 -11.34 4.60 -29.55
N HIS B 128 -11.04 3.47 -28.90
CA HIS B 128 -12.06 2.60 -28.32
C HIS B 128 -13.17 2.10 -29.24
N ALA B 129 -12.87 1.87 -30.51
CA ALA B 129 -13.88 1.45 -31.46
C ALA B 129 -14.28 -0.03 -31.41
N PHE B 130 -13.50 -0.85 -30.71
CA PHE B 130 -13.83 -2.27 -30.64
C PHE B 130 -14.38 -2.74 -29.31
N SER B 131 -15.13 -3.84 -29.35
CA SER B 131 -15.77 -4.41 -28.18
C SER B 131 -14.89 -5.32 -27.33
N ASP B 132 -15.27 -5.45 -26.06
CA ASP B 132 -14.57 -6.33 -25.12
C ASP B 132 -15.42 -7.58 -24.89
N ASP B 133 -16.52 -7.72 -25.63
CA ASP B 133 -17.38 -8.88 -25.40
C ASP B 133 -16.72 -10.23 -25.66
N GLY B 134 -15.71 -10.24 -26.52
CA GLY B 134 -15.02 -11.48 -26.83
C GLY B 134 -15.08 -11.85 -28.30
N SER B 135 -15.89 -11.12 -29.05
CA SER B 135 -16.07 -11.37 -30.48
C SER B 135 -15.10 -10.61 -31.36
N GLY B 136 -14.49 -9.56 -30.81
CA GLY B 136 -13.55 -8.79 -31.61
C GLY B 136 -14.28 -7.92 -32.63
N GLY B 137 -15.56 -7.68 -32.38
CA GLY B 137 -16.34 -6.85 -33.27
C GLY B 137 -16.32 -5.40 -32.82
N ARG B 138 -17.09 -4.55 -33.49
CA ARG B 138 -17.15 -3.13 -33.16
C ARG B 138 -17.95 -2.85 -31.89
N ARG B 139 -17.54 -1.82 -31.17
CA ARG B 139 -18.25 -1.40 -29.96
C ARG B 139 -19.53 -0.73 -30.43
N ASP B 140 -20.64 -0.98 -29.74
CA ASP B 140 -21.88 -0.35 -30.12
C ASP B 140 -21.85 1.04 -29.47
N SER B 141 -21.98 2.07 -30.29
CA SER B 141 -21.98 3.45 -29.82
C SER B 141 -22.74 4.27 -30.86
N ASN B 142 -23.06 5.51 -30.54
CA ASN B 142 -23.78 6.33 -31.50
C ASN B 142 -22.96 6.44 -32.79
N LEU B 143 -21.65 6.56 -32.65
CA LEU B 143 -20.77 6.65 -33.82
C LEU B 143 -20.85 5.41 -34.71
N GLN B 144 -20.74 4.23 -34.10
CA GLN B 144 -20.80 2.99 -34.87
C GLN B 144 -22.15 2.86 -35.58
N ARG B 145 -23.22 3.33 -34.93
CA ARG B 145 -24.55 3.23 -35.53
C ARG B 145 -24.77 4.17 -36.72
N THR B 146 -23.80 5.06 -36.97
CA THR B 146 -23.91 5.96 -38.11
C THR B 146 -23.47 5.19 -39.35
N GLY B 147 -22.82 4.05 -39.12
CA GLY B 147 -22.34 3.23 -40.22
C GLY B 147 -20.96 2.69 -39.91
N ASN B 148 -20.69 1.47 -40.37
CA ASN B 148 -19.41 0.82 -40.12
C ASN B 148 -18.23 1.61 -40.70
N ASP B 149 -18.52 2.45 -41.68
CA ASP B 149 -17.49 3.26 -42.34
C ASP B 149 -17.07 4.51 -41.57
N TRP B 150 -17.63 4.72 -40.38
CA TRP B 150 -17.30 5.93 -39.63
C TRP B 150 -15.81 6.09 -39.32
N ILE B 151 -15.13 5.00 -39.00
CA ILE B 151 -13.71 5.07 -38.71
C ILE B 151 -12.92 5.50 -39.94
N GLU B 152 -13.23 4.89 -41.08
CA GLU B 152 -12.57 5.22 -42.33
C GLU B 152 -12.77 6.69 -42.66
N VAL B 153 -13.99 7.17 -42.50
CA VAL B 153 -14.30 8.57 -42.78
C VAL B 153 -13.51 9.49 -41.86
N ALA B 154 -13.39 9.10 -40.59
CA ALA B 154 -12.65 9.91 -39.63
C ALA B 154 -11.19 10.06 -40.08
N PHE B 155 -10.58 8.96 -40.50
CA PHE B 155 -9.19 9.01 -40.96
C PHE B 155 -9.02 9.80 -42.25
N ARG B 156 -9.92 9.62 -43.21
CA ARG B 156 -9.82 10.36 -44.46
C ARG B 156 -9.94 11.85 -44.17
N THR B 157 -10.84 12.20 -43.24
CA THR B 157 -11.03 13.59 -42.85
C THR B 157 -9.76 14.14 -42.20
N ALA B 158 -9.18 13.35 -41.29
CA ALA B 158 -7.97 13.75 -40.59
C ALA B 158 -6.78 14.01 -41.53
N ARG B 159 -6.56 13.10 -42.48
CA ARG B 159 -5.44 13.27 -43.42
C ARG B 159 -5.54 14.60 -44.15
N ALA B 160 -6.74 14.96 -44.59
CA ALA B 160 -6.95 16.22 -45.30
C ALA B 160 -6.77 17.44 -44.42
N ALA B 161 -7.21 17.33 -43.16
CA ALA B 161 -7.11 18.45 -42.21
C ALA B 161 -5.67 18.80 -41.84
N ASP B 162 -4.83 17.78 -41.68
CA ASP B 162 -3.43 18.01 -41.34
C ASP B 162 -2.58 16.86 -41.86
N PRO B 163 -2.08 16.97 -43.10
CA PRO B 163 -1.25 15.94 -43.73
C PRO B 163 0.09 15.69 -43.04
N ALA B 164 0.48 16.56 -42.11
CA ALA B 164 1.76 16.40 -41.43
C ALA B 164 1.71 15.50 -40.19
N ALA B 165 0.52 15.25 -39.68
CA ALA B 165 0.40 14.42 -38.49
C ALA B 165 0.28 12.93 -38.79
N LYS B 166 0.89 12.11 -37.94
CA LYS B 166 0.76 10.67 -38.10
C LYS B 166 -0.61 10.36 -37.50
N LEU B 167 -1.42 9.63 -38.25
CA LEU B 167 -2.77 9.30 -37.81
C LEU B 167 -2.79 7.92 -37.16
N CYS B 168 -3.19 7.86 -35.90
CA CYS B 168 -3.23 6.58 -35.19
C CYS B 168 -4.62 6.13 -34.78
N TYR B 169 -4.79 4.82 -34.71
CA TYR B 169 -6.02 4.22 -34.22
C TYR B 169 -5.55 3.77 -32.85
N ASN B 170 -6.28 4.14 -31.80
CA ASN B 170 -5.87 3.85 -30.43
C ASN B 170 -6.91 3.03 -29.65
N ASP B 171 -6.45 2.00 -28.92
CA ASP B 171 -7.38 1.17 -28.14
C ASP B 171 -6.68 0.42 -27.01
N TYR B 172 -7.46 -0.18 -26.12
CA TYR B 172 -6.91 -0.95 -25.00
C TYR B 172 -7.34 -2.41 -25.14
N ASN B 173 -6.69 -3.29 -24.37
CA ASN B 173 -6.98 -4.73 -24.43
C ASN B 173 -6.73 -5.28 -25.83
N ILE B 174 -5.74 -4.71 -26.53
CA ILE B 174 -5.39 -5.18 -27.86
C ILE B 174 -3.90 -5.52 -27.88
N GLU B 175 -3.35 -5.86 -26.71
CA GLU B 175 -1.94 -6.19 -26.61
C GLU B 175 -1.67 -7.68 -26.71
N ASN B 176 -2.53 -8.49 -26.11
CA ASN B 176 -2.38 -9.94 -26.15
C ASN B 176 -2.88 -10.41 -27.52
N TRP B 177 -2.01 -11.03 -28.29
CA TRP B 177 -2.40 -11.47 -29.62
C TRP B 177 -3.60 -12.42 -29.66
N THR B 178 -3.75 -13.25 -28.64
CA THR B 178 -4.84 -14.23 -28.61
C THR B 178 -6.24 -13.64 -28.38
N TRP B 179 -6.30 -12.38 -27.93
CA TRP B 179 -7.59 -11.75 -27.69
C TRP B 179 -8.26 -11.36 -29.02
N ALA B 180 -9.54 -11.68 -29.14
CA ALA B 180 -10.29 -11.38 -30.36
C ALA B 180 -10.22 -9.90 -30.73
N LYS B 181 -10.29 -9.04 -29.73
CA LYS B 181 -10.24 -7.60 -29.95
C LYS B 181 -8.99 -7.20 -30.72
N THR B 182 -7.85 -7.78 -30.34
CA THR B 182 -6.58 -7.50 -30.99
C THR B 182 -6.66 -7.84 -32.47
N GLN B 183 -7.20 -9.02 -32.78
CA GLN B 183 -7.31 -9.46 -34.15
C GLN B 183 -8.34 -8.67 -34.95
N GLY B 184 -9.37 -8.17 -34.28
CA GLY B 184 -10.37 -7.37 -34.97
C GLY B 184 -9.72 -6.06 -35.42
N VAL B 185 -8.90 -5.48 -34.55
CA VAL B 185 -8.22 -4.24 -34.89
C VAL B 185 -7.24 -4.52 -36.04
N TYR B 186 -6.53 -5.64 -35.95
CA TYR B 186 -5.57 -6.00 -36.99
C TYR B 186 -6.26 -6.08 -38.35
N ASN B 187 -7.41 -6.74 -38.38
CA ASN B 187 -8.17 -6.90 -39.63
C ASN B 187 -8.59 -5.56 -40.22
N MET B 188 -8.97 -4.62 -39.37
CA MET B 188 -9.38 -3.31 -39.85
C MET B 188 -8.21 -2.52 -40.43
N VAL B 189 -7.10 -2.51 -39.71
CA VAL B 189 -5.93 -1.78 -40.19
C VAL B 189 -5.42 -2.40 -41.50
N ARG B 190 -5.47 -3.72 -41.59
CA ARG B 190 -5.02 -4.37 -42.81
C ARG B 190 -5.91 -3.95 -43.97
N ASP B 191 -7.22 -3.94 -43.73
CA ASP B 191 -8.20 -3.54 -44.74
C ASP B 191 -7.94 -2.11 -45.17
N PHE B 192 -7.71 -1.23 -44.20
CA PHE B 192 -7.43 0.18 -44.48
C PHE B 192 -6.23 0.32 -45.41
N LYS B 193 -5.13 -0.34 -45.06
CA LYS B 193 -3.93 -0.29 -45.87
C LYS B 193 -4.14 -0.82 -47.27
N GLN B 194 -4.91 -1.89 -47.39
CA GLN B 194 -5.17 -2.49 -48.69
C GLN B 194 -6.02 -1.60 -49.59
N ARG B 195 -6.94 -0.84 -49.00
CA ARG B 195 -7.81 0.03 -49.77
C ARG B 195 -7.37 1.50 -49.85
N GLY B 196 -6.19 1.79 -49.30
CA GLY B 196 -5.69 3.15 -49.36
C GLY B 196 -6.28 4.11 -48.35
N VAL B 197 -6.89 3.59 -47.28
CA VAL B 197 -7.45 4.44 -46.25
C VAL B 197 -6.24 4.95 -45.46
N PRO B 198 -6.12 6.27 -45.29
CA PRO B 198 -4.98 6.81 -44.56
C PRO B 198 -4.90 6.47 -43.07
N ILE B 199 -3.87 5.72 -42.70
CA ILE B 199 -3.62 5.36 -41.31
C ILE B 199 -2.12 5.12 -41.22
N ASP B 200 -1.49 5.74 -40.23
CA ASP B 200 -0.04 5.64 -40.09
C ASP B 200 0.45 4.91 -38.86
N CYS B 201 -0.42 4.72 -37.89
CA CYS B 201 -0.01 4.08 -36.65
C CYS B 201 -1.14 3.47 -35.87
N VAL B 202 -0.79 2.58 -34.95
CA VAL B 202 -1.75 1.93 -34.07
C VAL B 202 -1.21 2.10 -32.67
N GLY B 203 -2.04 2.66 -31.79
CA GLY B 203 -1.64 2.88 -30.43
C GLY B 203 -2.16 1.79 -29.51
N PHE B 204 -1.24 1.18 -28.77
CA PHE B 204 -1.60 0.13 -27.82
C PHE B 204 -1.53 0.80 -26.46
N GLN B 205 -2.69 1.12 -25.89
CA GLN B 205 -2.73 1.81 -24.61
C GLN B 205 -1.94 1.12 -23.52
N SER B 206 -1.97 -0.20 -23.50
CA SER B 206 -1.20 -0.96 -22.52
C SER B 206 -1.56 -0.68 -21.06
N HIS B 207 -2.85 -0.73 -20.76
CA HIS B 207 -3.32 -0.57 -19.39
C HIS B 207 -3.36 -2.00 -18.87
N PHE B 208 -2.25 -2.44 -18.27
CA PHE B 208 -2.13 -3.80 -17.76
C PHE B 208 -2.50 -3.95 -16.29
N ASN B 209 -3.22 -5.02 -15.97
CA ASN B 209 -3.61 -5.33 -14.60
C ASN B 209 -3.96 -6.82 -14.54
N SER B 210 -4.31 -7.34 -13.37
CA SER B 210 -4.59 -8.77 -13.28
C SER B 210 -5.85 -9.19 -14.05
N GLY B 211 -6.64 -8.21 -14.48
CA GLY B 211 -7.83 -8.52 -15.25
C GLY B 211 -7.46 -8.65 -16.72
N SER B 212 -6.50 -7.82 -17.14
CA SER B 212 -6.02 -7.81 -18.52
C SER B 212 -4.49 -7.71 -18.40
N PRO B 213 -3.85 -8.83 -18.02
CA PRO B 213 -2.40 -8.88 -17.85
C PRO B 213 -1.50 -8.84 -19.08
N TYR B 214 -0.29 -8.37 -18.87
CA TYR B 214 0.71 -8.32 -19.91
C TYR B 214 1.07 -9.76 -20.24
N ASN B 215 1.33 -10.02 -21.52
CA ASN B 215 1.74 -11.34 -21.96
C ASN B 215 2.87 -11.12 -22.96
N SER B 216 3.89 -11.97 -22.91
CA SER B 216 5.02 -11.82 -23.81
C SER B 216 4.66 -11.85 -25.29
N ASN B 217 3.50 -12.40 -25.65
CA ASN B 217 3.16 -12.43 -27.08
C ASN B 217 2.84 -11.03 -27.60
N PHE B 218 2.91 -10.04 -26.71
CA PHE B 218 2.66 -8.65 -27.10
C PHE B 218 3.72 -8.28 -28.14
N ARG B 219 4.89 -8.89 -28.06
CA ARG B 219 5.92 -8.58 -29.04
C ARG B 219 5.48 -9.03 -30.44
N THR B 220 4.82 -10.17 -30.54
CA THR B 220 4.37 -10.64 -31.85
C THR B 220 3.23 -9.74 -32.33
N THR B 221 2.44 -9.21 -31.39
CA THR B 221 1.34 -8.32 -31.75
C THR B 221 1.93 -7.07 -32.41
N LEU B 222 2.94 -6.48 -31.78
CA LEU B 222 3.57 -5.30 -32.33
C LEU B 222 4.20 -5.60 -33.70
N GLN B 223 4.87 -6.75 -33.79
CA GLN B 223 5.50 -7.16 -35.05
C GLN B 223 4.46 -7.34 -36.15
N ASN B 224 3.35 -7.98 -35.80
CA ASN B 224 2.29 -8.21 -36.77
C ASN B 224 1.77 -6.92 -37.35
N PHE B 225 1.50 -5.93 -36.49
CA PHE B 225 0.99 -4.66 -36.98
C PHE B 225 2.06 -3.92 -37.79
N ALA B 226 3.30 -3.96 -37.32
CA ALA B 226 4.38 -3.27 -38.02
C ALA B 226 4.49 -3.81 -39.44
N ALA B 227 4.26 -5.11 -39.60
CA ALA B 227 4.35 -5.75 -40.92
C ALA B 227 3.29 -5.23 -41.90
N LEU B 228 2.26 -4.57 -41.39
CA LEU B 228 1.21 -4.02 -42.24
C LEU B 228 1.64 -2.69 -42.85
N GLY B 229 2.76 -2.16 -42.38
CA GLY B 229 3.25 -0.90 -42.91
C GLY B 229 2.82 0.30 -42.09
N VAL B 230 2.52 0.07 -40.82
CA VAL B 230 2.14 1.17 -39.93
C VAL B 230 3.11 1.19 -38.78
N ASP B 231 3.26 2.35 -38.14
CA ASP B 231 4.13 2.44 -36.99
C ASP B 231 3.27 2.00 -35.82
N VAL B 232 3.90 1.70 -34.69
CA VAL B 232 3.16 1.29 -33.50
C VAL B 232 3.70 2.11 -32.34
N ALA B 233 2.86 2.31 -31.33
CA ALA B 233 3.28 3.07 -30.16
C ALA B 233 2.53 2.59 -28.94
N ILE B 234 3.21 2.62 -27.79
CA ILE B 234 2.60 2.24 -26.52
C ILE B 234 2.15 3.61 -26.04
N THR B 235 0.83 3.83 -26.03
CA THR B 235 0.27 5.14 -25.72
C THR B 235 -0.20 5.55 -24.33
N GLU B 236 -0.59 4.59 -23.48
CA GLU B 236 -1.10 4.95 -22.16
C GLU B 236 -0.68 3.93 -21.12
N LEU B 237 0.58 3.52 -21.19
CA LEU B 237 1.11 2.53 -20.29
C LEU B 237 1.04 2.78 -18.78
N ASP B 238 0.51 1.78 -18.08
CA ASP B 238 0.49 1.75 -16.63
C ASP B 238 0.25 0.30 -16.26
N ILE B 239 0.91 -0.14 -15.21
CA ILE B 239 0.82 -1.53 -14.78
C ILE B 239 0.42 -1.63 -13.31
N GLN B 240 -0.70 -2.28 -13.07
CA GLN B 240 -1.20 -2.46 -11.71
C GLN B 240 -0.09 -3.10 -10.87
N GLY B 241 0.34 -2.40 -9.82
CA GLY B 241 1.39 -2.93 -8.98
C GLY B 241 2.77 -2.46 -9.40
N ALA B 242 2.86 -1.94 -10.63
CA ALA B 242 4.12 -1.44 -11.18
C ALA B 242 5.30 -2.41 -11.09
N SER B 243 5.07 -3.66 -11.45
CA SER B 243 6.13 -4.66 -11.42
C SER B 243 7.35 -4.21 -12.21
N SER B 244 8.54 -4.31 -11.62
CA SER B 244 9.76 -3.92 -12.31
C SER B 244 9.97 -4.80 -13.54
N SER B 245 9.77 -6.10 -13.38
CA SER B 245 9.95 -7.04 -14.48
C SER B 245 8.97 -6.78 -15.62
N THR B 246 7.72 -6.48 -15.28
CA THR B 246 6.71 -6.22 -16.31
C THR B 246 7.00 -4.92 -17.04
N TYR B 247 7.39 -3.89 -16.30
CA TYR B 247 7.68 -2.61 -16.93
C TYR B 247 8.86 -2.78 -17.88
N ALA B 248 9.86 -3.55 -17.48
CA ALA B 248 11.03 -3.77 -18.34
C ALA B 248 10.66 -4.61 -19.57
N ALA B 249 9.80 -5.59 -19.37
CA ALA B 249 9.38 -6.45 -20.47
C ALA B 249 8.66 -5.65 -21.55
N VAL B 250 7.74 -4.79 -21.14
CA VAL B 250 6.99 -3.96 -22.09
C VAL B 250 7.95 -3.03 -22.83
N THR B 251 8.89 -2.45 -22.08
CA THR B 251 9.87 -1.55 -22.65
C THR B 251 10.71 -2.29 -23.70
N ASN B 252 11.14 -3.50 -23.36
CA ASN B 252 11.94 -4.28 -24.30
C ASN B 252 11.16 -4.70 -25.54
N ASP B 253 9.85 -4.88 -25.40
CA ASP B 253 9.05 -5.24 -26.56
C ASP B 253 9.06 -4.11 -27.57
N CYS B 254 8.93 -2.87 -27.10
CA CYS B 254 8.96 -1.72 -28.00
C CYS B 254 10.36 -1.60 -28.62
N LEU B 255 11.39 -1.84 -27.81
CA LEU B 255 12.77 -1.76 -28.29
C LEU B 255 13.09 -2.86 -29.30
N ALA B 256 12.30 -3.93 -29.27
CA ALA B 256 12.50 -5.05 -30.18
C ALA B 256 11.87 -4.85 -31.55
N VAL B 257 10.96 -3.89 -31.66
CA VAL B 257 10.28 -3.63 -32.92
C VAL B 257 10.69 -2.28 -33.49
N SER B 258 11.40 -2.30 -34.62
CA SER B 258 11.89 -1.06 -35.22
C SER B 258 10.83 0.01 -35.48
N ARG B 259 9.59 -0.42 -35.73
CA ARG B 259 8.51 0.52 -35.99
C ARG B 259 7.85 1.06 -34.73
N CYS B 260 8.29 0.62 -33.56
CA CYS B 260 7.71 1.14 -32.32
C CYS B 260 8.34 2.52 -32.08
N LEU B 261 7.53 3.56 -32.20
CA LEU B 261 7.99 4.93 -32.06
C LEU B 261 8.42 5.34 -30.66
N GLY B 262 7.80 4.74 -29.66
CA GLY B 262 8.14 5.08 -28.30
C GLY B 262 7.05 4.67 -27.33
N ILE B 263 7.23 5.05 -26.07
CA ILE B 263 6.30 4.70 -25.02
C ILE B 263 5.87 5.89 -24.18
N THR B 264 4.58 5.97 -23.89
CA THR B 264 4.02 7.02 -23.05
C THR B 264 3.36 6.33 -21.86
N VAL B 265 3.67 6.76 -20.64
CA VAL B 265 3.03 6.19 -19.46
C VAL B 265 1.90 7.16 -19.12
N TRP B 266 0.76 6.61 -18.68
CA TRP B 266 -0.41 7.45 -18.39
C TRP B 266 -0.38 8.21 -17.08
N GLY B 267 0.57 9.14 -16.95
CA GLY B 267 0.68 9.93 -15.75
C GLY B 267 2.08 10.04 -15.20
N VAL B 268 2.27 10.96 -14.27
CA VAL B 268 3.58 11.19 -13.68
C VAL B 268 3.76 10.41 -12.38
N ARG B 269 3.05 10.82 -11.32
CA ARG B 269 3.13 10.16 -10.02
C ARG B 269 1.89 9.30 -9.79
N ASP B 270 2.03 8.27 -8.95
CA ASP B 270 0.89 7.40 -8.66
C ASP B 270 -0.32 8.20 -8.19
N THR B 271 -0.06 9.26 -7.45
CA THR B 271 -1.13 10.10 -6.94
C THR B 271 -1.83 10.90 -8.04
N ASP B 272 -1.21 10.97 -9.21
CA ASP B 272 -1.77 11.68 -10.37
C ASP B 272 -2.56 10.75 -11.28
N SER B 273 -2.41 9.44 -11.06
CA SER B 273 -3.08 8.46 -11.91
C SER B 273 -4.58 8.36 -11.76
N TRP B 274 -5.22 8.04 -12.88
CA TRP B 274 -6.67 7.87 -12.91
C TRP B 274 -7.03 6.63 -12.09
N ARG B 275 -6.02 5.79 -11.82
CA ARG B 275 -6.20 4.58 -11.02
C ARG B 275 -5.10 4.50 -9.97
N SER B 276 -5.02 5.54 -9.14
CA SER B 276 -4.01 5.62 -8.09
C SER B 276 -4.00 4.40 -7.18
N GLY B 277 -5.16 3.76 -7.02
CA GLY B 277 -5.25 2.58 -6.18
C GLY B 277 -4.40 1.43 -6.68
N ASP B 278 -4.10 1.43 -7.98
CA ASP B 278 -3.28 0.39 -8.57
C ASP B 278 -1.79 0.75 -8.58
N THR B 279 -1.44 1.87 -7.93
CA THR B 279 -0.04 2.36 -7.87
C THR B 279 0.68 1.84 -9.11
N PRO B 280 0.17 2.21 -10.30
CA PRO B 280 0.69 1.79 -11.60
C PRO B 280 1.74 2.60 -12.36
N LEU B 281 2.24 3.68 -11.79
CA LEU B 281 3.21 4.49 -12.51
C LEU B 281 4.66 4.34 -12.03
N LEU B 282 5.56 5.18 -12.55
CA LEU B 282 6.98 5.10 -12.22
C LEU B 282 7.49 5.97 -11.06
N PHE B 283 6.65 6.88 -10.57
CA PHE B 283 7.02 7.74 -9.45
C PHE B 283 5.90 7.65 -8.42
N ASN B 284 6.24 7.70 -7.14
CA ASN B 284 5.20 7.64 -6.13
C ASN B 284 4.79 9.05 -5.69
N GLY B 285 3.88 9.12 -4.74
CA GLY B 285 3.37 10.40 -4.26
C GLY B 285 4.36 11.49 -3.90
N ASP B 286 5.42 11.15 -3.18
CA ASP B 286 6.40 12.15 -2.78
C ASP B 286 7.38 12.49 -3.90
N GLY B 287 7.13 11.97 -5.10
CA GLY B 287 8.00 12.25 -6.23
C GLY B 287 9.24 11.39 -6.38
N SER B 288 9.38 10.37 -5.54
CA SER B 288 10.56 9.51 -5.62
C SER B 288 10.43 8.46 -6.73
N LYS B 289 11.57 8.10 -7.30
CA LYS B 289 11.60 7.10 -8.36
C LYS B 289 11.33 5.73 -7.75
N LYS B 290 10.42 4.99 -8.36
CA LYS B 290 10.10 3.65 -7.86
C LYS B 290 11.08 2.64 -8.45
N ALA B 291 11.07 1.43 -7.92
CA ALA B 291 11.97 0.40 -8.42
C ALA B 291 11.74 0.22 -9.93
N ALA B 292 10.49 0.33 -10.34
CA ALA B 292 10.15 0.18 -11.76
C ALA B 292 10.80 1.24 -12.63
N TYR B 293 11.02 2.43 -12.09
CA TYR B 293 11.65 3.49 -12.87
C TYR B 293 13.03 3.04 -13.31
N THR B 294 13.79 2.50 -12.36
CA THR B 294 15.15 2.03 -12.64
C THR B 294 15.14 0.88 -13.65
N ALA B 295 14.14 0.02 -13.56
CA ALA B 295 14.03 -1.11 -14.48
C ALA B 295 13.79 -0.63 -15.91
N VAL B 296 12.94 0.39 -16.05
CA VAL B 296 12.65 0.95 -17.38
C VAL B 296 13.89 1.65 -17.92
N LEU B 297 14.52 2.47 -17.08
CA LEU B 297 15.72 3.20 -17.51
C LEU B 297 16.81 2.23 -17.94
N ASN B 298 17.02 1.17 -17.16
CA ASN B 298 18.04 0.19 -17.49
C ASN B 298 17.72 -0.51 -18.82
N ALA B 299 16.45 -0.83 -19.04
CA ALA B 299 16.04 -1.49 -20.28
C ALA B 299 16.30 -0.58 -21.47
N LEU B 300 15.92 0.69 -21.34
CA LEU B 300 16.12 1.66 -22.40
C LEU B 300 17.61 1.81 -22.72
N ASN B 301 18.44 1.72 -21.68
CA ASN B 301 19.88 1.83 -21.84
C ASN B 301 20.57 0.55 -22.30
N GLY B 302 19.78 -0.47 -22.63
CA GLY B 302 20.37 -1.72 -23.11
C GLY B 302 20.24 -2.90 -22.18
N GLY B 303 19.76 -2.67 -20.96
CA GLY B 303 19.62 -3.77 -20.02
C GLY B 303 20.94 -4.41 -19.67
N GLY B 313 20.33 -14.75 -4.11
CA GLY B 313 21.72 -14.47 -4.41
C GLY B 313 22.38 -13.60 -3.37
N GLN B 314 23.71 -13.53 -3.41
CA GLN B 314 24.46 -12.73 -2.45
C GLN B 314 24.69 -11.33 -3.00
N ILE B 315 25.05 -10.41 -2.12
CA ILE B 315 25.32 -9.02 -2.51
C ILE B 315 26.66 -8.62 -1.89
N LYS B 316 27.72 -8.65 -2.72
CA LYS B 316 29.06 -8.30 -2.26
C LYS B 316 29.35 -6.81 -2.37
N GLY B 317 30.00 -6.27 -1.35
CA GLY B 317 30.35 -4.87 -1.36
C GLY B 317 31.65 -4.66 -2.11
N VAL B 318 31.57 -3.99 -3.26
CA VAL B 318 32.75 -3.73 -4.08
C VAL B 318 33.66 -2.74 -3.35
N GLY B 319 34.55 -3.28 -2.52
CA GLY B 319 35.46 -2.45 -1.76
C GLY B 319 35.87 -3.13 -0.47
N SER B 320 35.05 -4.07 -0.02
CA SER B 320 35.32 -4.82 1.20
C SER B 320 35.42 -6.30 0.84
N GLY B 321 34.76 -6.68 -0.24
CA GLY B 321 34.78 -8.07 -0.67
C GLY B 321 33.89 -8.95 0.17
N ARG B 322 33.21 -8.35 1.15
CA ARG B 322 32.32 -9.10 2.03
C ARG B 322 30.86 -8.95 1.59
N CYS B 323 30.03 -9.91 2.00
CA CYS B 323 28.62 -9.91 1.63
C CYS B 323 27.66 -9.35 2.69
N LEU B 324 26.53 -8.85 2.23
CA LEU B 324 25.50 -8.30 3.11
C LEU B 324 25.06 -9.49 3.95
N ASP B 325 25.22 -9.39 5.26
CA ASP B 325 24.89 -10.49 6.15
C ASP B 325 24.02 -10.12 7.35
N VAL B 326 23.09 -10.99 7.70
CA VAL B 326 22.23 -10.77 8.85
C VAL B 326 22.87 -11.52 10.01
N PRO B 327 23.41 -10.77 11.00
CA PRO B 327 24.07 -11.32 12.18
C PRO B 327 23.48 -12.61 12.76
N ASN B 328 24.33 -13.62 12.90
CA ASN B 328 23.94 -14.91 13.46
C ASN B 328 22.70 -15.52 12.81
N ALA B 329 22.44 -15.17 11.56
CA ALA B 329 21.28 -15.68 10.84
C ALA B 329 20.01 -15.45 11.65
N SER B 330 19.97 -14.32 12.37
CA SER B 330 18.81 -13.98 13.17
C SER B 330 17.62 -13.61 12.28
N THR B 331 16.42 -13.84 12.80
CA THR B 331 15.19 -13.53 12.07
C THR B 331 14.42 -12.49 12.87
N THR B 332 15.06 -11.94 13.89
CA THR B 332 14.44 -10.95 14.77
C THR B 332 14.32 -9.57 14.12
N ASP B 333 13.11 -9.01 14.13
CA ASP B 333 12.90 -7.69 13.55
C ASP B 333 13.78 -6.67 14.25
N GLY B 334 14.37 -5.77 13.48
CA GLY B 334 15.23 -4.74 14.05
C GLY B 334 16.70 -5.10 14.09
N THR B 335 17.04 -6.28 13.57
CA THR B 335 18.43 -6.71 13.55
C THR B 335 19.17 -5.99 12.44
N GLN B 336 20.14 -5.16 12.80
CA GLN B 336 20.91 -4.40 11.81
C GLN B 336 21.82 -5.33 11.00
N VAL B 337 21.86 -5.12 9.70
CA VAL B 337 22.68 -5.94 8.81
C VAL B 337 24.15 -5.52 8.83
N GLN B 338 25.02 -6.41 8.39
CA GLN B 338 26.45 -6.15 8.39
C GLN B 338 27.14 -6.77 7.19
N LEU B 339 28.46 -6.56 7.12
CA LEU B 339 29.29 -7.13 6.07
C LEU B 339 29.94 -8.35 6.73
N TYR B 340 30.08 -9.43 5.98
CA TYR B 340 30.70 -10.63 6.51
C TYR B 340 31.19 -11.54 5.39
N ASP B 341 32.18 -12.37 5.70
CA ASP B 341 32.72 -13.30 4.73
C ASP B 341 31.59 -14.05 4.04
N CYS B 342 31.60 -14.02 2.72
CA CYS B 342 30.56 -14.68 1.93
C CYS B 342 30.61 -16.21 2.04
N HIS B 343 29.43 -16.83 2.00
CA HIS B 343 29.31 -18.28 2.07
C HIS B 343 27.87 -18.69 1.84
N SER B 344 27.67 -19.91 1.36
CA SER B 344 26.33 -20.43 1.08
C SER B 344 25.47 -20.54 2.33
N ALA B 345 24.86 -19.43 2.74
CA ALA B 345 24.01 -19.39 3.92
C ALA B 345 22.76 -18.56 3.64
N THR B 346 21.64 -19.00 4.18
CA THR B 346 20.37 -18.30 3.98
C THR B 346 20.39 -16.84 4.45
N ASN B 347 21.22 -16.53 5.43
CA ASN B 347 21.30 -15.16 5.95
C ASN B 347 22.16 -14.25 5.06
N GLN B 348 22.46 -14.71 3.86
CA GLN B 348 23.24 -13.91 2.91
C GLN B 348 22.59 -13.99 1.53
N GLN B 349 21.48 -14.72 1.46
CA GLN B 349 20.74 -14.88 0.20
C GLN B 349 19.60 -13.88 0.12
N TRP B 350 19.77 -12.87 -0.73
CA TRP B 350 18.74 -11.85 -0.89
C TRP B 350 18.03 -11.98 -2.23
N THR B 351 16.72 -11.72 -2.22
CA THR B 351 15.91 -11.78 -3.42
C THR B 351 15.29 -10.43 -3.72
N TYR B 352 15.61 -9.88 -4.88
CA TYR B 352 15.08 -8.59 -5.29
C TYR B 352 13.74 -8.87 -5.97
N THR B 353 12.65 -8.37 -5.38
CA THR B 353 11.33 -8.60 -5.92
C THR B 353 10.87 -7.54 -6.90
N ASP B 354 9.79 -7.82 -7.61
CA ASP B 354 9.25 -6.87 -8.58
C ASP B 354 8.75 -5.61 -7.92
N ALA B 355 8.48 -5.70 -6.62
CA ALA B 355 8.01 -4.55 -5.85
C ALA B 355 9.19 -3.69 -5.41
N GLY B 356 10.40 -4.20 -5.59
CA GLY B 356 11.59 -3.45 -5.22
C GLY B 356 12.17 -3.79 -3.86
N GLU B 357 11.71 -4.89 -3.28
CA GLU B 357 12.20 -5.32 -1.98
C GLU B 357 13.45 -6.18 -2.10
N LEU B 358 14.21 -6.23 -1.03
CA LEU B 358 15.40 -7.07 -0.97
C LEU B 358 15.06 -8.01 0.20
N ARG B 359 14.46 -9.15 -0.14
CA ARG B 359 14.02 -10.12 0.85
C ARG B 359 15.05 -11.15 1.28
N VAL B 360 14.87 -11.63 2.50
CA VAL B 360 15.72 -12.65 3.08
C VAL B 360 14.81 -13.53 3.94
N TYR B 361 15.09 -14.83 3.96
CA TYR B 361 14.28 -15.78 4.72
C TYR B 361 12.88 -15.92 4.13
N GLY B 362 12.65 -15.27 3.00
CA GLY B 362 11.35 -15.35 2.36
C GLY B 362 10.36 -14.25 2.70
N ASP B 363 10.29 -13.85 3.96
CA ASP B 363 9.33 -12.81 4.34
C ASP B 363 9.90 -11.67 5.20
N LYS B 364 11.23 -11.54 5.24
CA LYS B 364 11.85 -10.45 5.97
C LYS B 364 12.39 -9.49 4.92
N CYS B 365 12.30 -8.19 5.19
CA CYS B 365 12.74 -7.18 4.22
C CYS B 365 13.87 -6.26 4.70
N LEU B 366 14.76 -5.89 3.79
CA LEU B 366 15.84 -4.97 4.12
C LEU B 366 15.04 -3.71 4.44
N ASP B 367 15.20 -3.21 5.66
CA ASP B 367 14.43 -2.09 6.15
C ASP B 367 15.22 -0.90 6.67
N ALA B 368 14.77 0.31 6.32
CA ALA B 368 15.42 1.52 6.79
C ALA B 368 14.54 2.17 7.85
N ALA B 369 15.08 2.29 9.06
CA ALA B 369 14.35 2.88 10.18
C ALA B 369 14.55 4.40 10.23
N GLY B 370 14.29 5.07 9.11
CA GLY B 370 14.45 6.51 9.06
C GLY B 370 14.81 6.95 7.64
N THR B 371 15.00 8.25 7.44
CA THR B 371 15.32 8.77 6.11
C THR B 371 16.60 9.60 6.03
N GLY B 372 17.27 9.81 7.16
CA GLY B 372 18.48 10.62 7.14
C GLY B 372 19.78 9.86 7.19
N ASN B 373 20.90 10.57 7.06
CA ASN B 373 22.21 9.96 7.10
C ASN B 373 22.40 9.24 8.43
N GLY B 374 23.03 8.06 8.39
CA GLY B 374 23.26 7.32 9.61
C GLY B 374 22.10 6.40 9.99
N THR B 375 21.03 6.44 9.21
CA THR B 375 19.88 5.59 9.49
C THR B 375 20.32 4.14 9.45
N LYS B 376 19.88 3.37 10.44
CA LYS B 376 20.20 1.96 10.53
C LYS B 376 19.45 1.14 9.49
N VAL B 377 20.17 0.30 8.75
CA VAL B 377 19.57 -0.56 7.75
C VAL B 377 19.46 -1.92 8.43
N GLN B 378 18.24 -2.45 8.53
CA GLN B 378 18.00 -3.70 9.21
C GLN B 378 17.01 -4.59 8.46
N ILE B 379 16.50 -5.60 9.15
CA ILE B 379 15.50 -6.48 8.57
C ILE B 379 14.23 -6.25 9.39
N TYR B 380 13.08 -6.37 8.74
CA TYR B 380 11.78 -6.17 9.39
C TYR B 380 10.77 -6.89 8.53
N SER B 381 9.63 -7.25 9.12
CA SER B 381 8.58 -7.94 8.38
C SER B 381 8.24 -7.14 7.12
N CYS B 382 8.11 -7.81 5.99
CA CYS B 382 7.77 -7.12 4.76
C CYS B 382 6.32 -6.63 4.81
N TRP B 383 6.10 -5.38 4.44
CA TRP B 383 4.74 -4.84 4.45
C TRP B 383 4.46 -3.84 3.32
N GLY B 384 5.47 -3.58 2.50
CA GLY B 384 5.27 -2.67 1.38
C GLY B 384 5.68 -1.22 1.56
N GLY B 385 6.22 -0.85 2.71
CA GLY B 385 6.63 0.53 2.92
C GLY B 385 7.75 0.93 1.97
N ASP B 386 7.80 2.21 1.59
CA ASP B 386 8.84 2.67 0.68
C ASP B 386 10.23 2.61 1.33
N ASN B 387 10.25 2.50 2.65
CA ASN B 387 11.51 2.40 3.38
C ASN B 387 11.99 0.95 3.30
N GLN B 388 11.27 0.14 2.54
CA GLN B 388 11.64 -1.26 2.32
C GLN B 388 11.81 -1.49 0.82
N LYS B 389 11.79 -0.40 0.05
CA LYS B 389 11.95 -0.50 -1.40
C LYS B 389 13.30 0.05 -1.80
N TRP B 390 13.95 -0.61 -2.75
CA TRP B 390 15.27 -0.20 -3.19
C TRP B 390 15.44 -0.20 -4.71
N ARG B 391 16.37 0.61 -5.18
CA ARG B 391 16.66 0.71 -6.60
C ARG B 391 18.11 0.27 -6.81
N LEU B 392 18.30 -0.73 -7.66
CA LEU B 392 19.65 -1.23 -7.96
C LEU B 392 20.18 -0.53 -9.20
N ASN B 393 21.09 0.42 -8.99
CA ASN B 393 21.67 1.19 -10.11
C ASN B 393 22.80 0.48 -10.83
N SER B 394 23.07 0.93 -12.06
CA SER B 394 24.12 0.35 -12.88
C SER B 394 25.51 0.56 -12.29
N ASP B 395 25.71 1.67 -11.59
CA ASP B 395 27.01 1.95 -11.00
C ASP B 395 27.27 1.06 -9.79
N GLY B 396 26.31 0.19 -9.48
CA GLY B 396 26.47 -0.72 -8.36
C GLY B 396 25.90 -0.21 -7.04
N SER B 397 25.35 0.99 -7.04
CA SER B 397 24.78 1.55 -5.82
C SER B 397 23.37 1.03 -5.59
N ILE B 398 22.93 1.05 -4.33
CA ILE B 398 21.59 0.59 -3.96
C ILE B 398 20.96 1.74 -3.17
N VAL B 399 19.97 2.38 -3.79
CA VAL B 399 19.30 3.53 -3.18
C VAL B 399 17.92 3.23 -2.61
N GLY B 400 17.68 3.75 -1.41
CA GLY B 400 16.38 3.55 -0.79
C GLY B 400 15.39 4.48 -1.47
N VAL B 401 14.22 3.94 -1.85
CA VAL B 401 13.20 4.73 -2.52
C VAL B 401 12.70 5.90 -1.68
N GLN B 402 12.34 5.63 -0.43
CA GLN B 402 11.82 6.67 0.44
C GLN B 402 12.84 7.76 0.79
N SER B 403 14.04 7.33 1.15
CA SER B 403 15.11 8.25 1.56
C SER B 403 15.93 8.87 0.44
N GLY B 404 16.16 8.11 -0.62
CA GLY B 404 16.98 8.63 -1.71
C GLY B 404 18.45 8.50 -1.33
N LEU B 405 18.70 7.77 -0.24
CA LEU B 405 20.06 7.56 0.26
C LEU B 405 20.58 6.18 -0.14
N CYS B 406 21.90 6.04 -0.18
CA CYS B 406 22.55 4.80 -0.57
C CYS B 406 22.93 3.90 0.60
N LEU B 407 22.95 2.59 0.36
CA LEU B 407 23.36 1.65 1.39
C LEU B 407 24.83 1.96 1.57
N ASP B 408 25.24 2.17 2.83
CA ASP B 408 26.62 2.53 3.11
C ASP B 408 27.23 1.77 4.28
N ALA B 409 28.45 1.27 4.10
CA ALA B 409 29.15 0.55 5.14
C ALA B 409 29.82 1.58 6.05
N VAL B 410 29.29 1.73 7.26
CA VAL B 410 29.79 2.69 8.23
C VAL B 410 31.30 2.87 8.27
N GLY B 411 31.72 4.12 8.36
CA GLY B 411 33.15 4.45 8.42
C GLY B 411 33.97 3.85 7.29
N GLY B 412 33.30 3.31 6.28
CA GLY B 412 34.02 2.71 5.17
C GLY B 412 34.66 1.41 5.57
N GLY B 413 34.24 0.86 6.72
CA GLY B 413 34.79 -0.39 7.19
C GLY B 413 34.74 -1.48 6.15
N THR B 414 35.60 -2.47 6.28
CA THR B 414 35.65 -3.58 5.33
C THR B 414 35.70 -4.94 6.03
N ALA B 415 36.01 -4.93 7.32
CA ALA B 415 36.09 -6.17 8.09
C ALA B 415 34.72 -6.69 8.50
N ASN B 416 34.69 -7.95 8.92
CA ASN B 416 33.46 -8.58 9.37
C ASN B 416 32.88 -7.77 10.52
N GLY B 417 31.55 -7.70 10.58
CA GLY B 417 30.92 -6.96 11.65
C GLY B 417 30.61 -5.52 11.30
N THR B 418 31.17 -5.04 10.19
CA THR B 418 30.92 -3.66 9.76
C THR B 418 29.42 -3.51 9.51
N LEU B 419 28.82 -2.54 10.19
CA LEU B 419 27.38 -2.29 10.07
C LEU B 419 27.02 -1.50 8.81
N ILE B 420 25.77 -1.65 8.39
CA ILE B 420 25.27 -0.96 7.20
C ILE B 420 24.32 0.17 7.60
N GLN B 421 24.44 1.30 6.92
CA GLN B 421 23.60 2.45 7.20
C GLN B 421 23.19 3.12 5.89
N LEU B 422 22.40 4.19 6.01
CA LEU B 422 21.99 4.96 4.84
C LEU B 422 22.85 6.21 4.86
N TYR B 423 23.23 6.70 3.68
CA TYR B 423 24.04 7.91 3.62
C TYR B 423 24.01 8.50 2.23
N SER B 424 24.11 9.83 2.16
CA SER B 424 24.11 10.52 0.87
C SER B 424 24.99 9.75 -0.08
N CYS B 425 24.46 9.46 -1.27
CA CYS B 425 25.22 8.71 -2.26
C CYS B 425 26.46 9.46 -2.70
N SER B 426 27.61 8.83 -2.50
CA SER B 426 28.88 9.42 -2.88
C SER B 426 29.30 8.81 -4.21
N ASN B 427 29.84 7.60 -4.14
CA ASN B 427 30.29 6.83 -5.30
C ASN B 427 31.43 5.95 -4.79
N GLY B 428 31.69 6.07 -3.48
CA GLY B 428 32.74 5.29 -2.86
C GLY B 428 32.51 3.80 -2.95
N SER B 429 33.58 3.03 -2.78
CA SER B 429 33.51 1.59 -2.85
C SER B 429 32.70 1.00 -1.70
N ASN B 430 32.47 1.80 -0.66
CA ASN B 430 31.69 1.35 0.49
C ASN B 430 30.22 1.57 0.24
N GLN B 431 29.88 1.88 -1.02
CA GLN B 431 28.50 2.11 -1.43
C GLN B 431 28.18 1.39 -2.73
N ARG B 432 29.15 0.62 -3.22
CA ARG B 432 28.99 -0.14 -4.45
C ARG B 432 28.87 -1.62 -4.12
N TRP B 433 27.92 -2.29 -4.76
CA TRP B 433 27.69 -3.70 -4.52
C TRP B 433 27.58 -4.48 -5.82
N THR B 434 28.00 -5.74 -5.79
CA THR B 434 27.96 -6.60 -6.97
C THR B 434 27.17 -7.87 -6.69
N ARG B 435 26.99 -8.68 -7.75
CA ARG B 435 26.26 -9.93 -7.65
C ARG B 435 26.37 -10.66 -8.99
N THR B 436 26.87 -11.90 -9.01
CA THR B 436 27.36 -12.68 -7.86
C THR B 436 26.22 -13.18 -6.97
C1 XYS C . 15.25 5.28 19.16
C2 XYS C . 14.41 5.86 20.31
C3 XYS C . 13.01 5.24 20.26
C4 XYS C . 12.39 5.56 18.91
C5 XYS C . 13.30 4.99 17.81
O1 XYS C . 16.50 5.87 19.16
O2 XYS C . 15.03 5.57 21.55
O3 XYS C . 12.22 5.80 21.30
O4 XYS C . 11.08 4.93 18.80
O5 XYS C . 14.62 5.56 17.90
C1 XYS C . 9.97 5.75 18.70
C2 XYS C . 8.71 4.91 18.49
C3 XYS C . 7.49 5.84 18.37
C4 XYS C . 7.39 6.68 19.66
C5 XYS C . 8.72 7.43 19.84
O2 XYS C . 8.86 4.16 17.30
O3 XYS C . 6.33 5.05 18.20
O4 XYS C . 6.38 7.70 19.49
O5 XYS C . 9.85 6.53 19.90
C1 XYS C . 5.44 8.00 20.49
C2 XYS C . 4.72 9.28 20.07
C3 XYS C . 3.67 9.63 21.12
C4 XYS C . 2.68 8.48 21.21
C5 XYS C . 3.47 7.20 21.61
O2 XYS C . 5.66 10.33 20.01
O3 XYS C . 3.00 10.83 20.76
O4 XYS C . 1.63 8.83 22.14
O5 XYS C . 4.50 6.91 20.62
C1 XYS C . 0.77 7.85 22.62
C2 XYS C . -0.31 8.42 23.58
C3 XYS C . -1.69 8.63 22.87
C4 XYS C . -1.40 9.28 21.56
C5 XYS C . -0.66 8.18 20.72
O2 XYS C . -0.48 7.54 24.70
O3 XYS C . -2.52 9.47 23.66
O4 XYS C . -2.67 9.54 20.91
O5 XYS C . 0.09 7.22 21.56
C1 XYS C . -2.74 10.54 19.93
C2 XYS C . -4.14 10.57 19.31
C3 XYS C . -4.20 11.68 18.26
C4 XYS C . -3.87 13.01 18.95
C5 XYS C . -2.48 12.91 19.59
O2 XYS C . -4.38 9.32 18.68
O3 XYS C . -5.51 11.73 17.72
O4 XYS C . -3.87 14.03 17.96
O5 XYS C . -2.46 11.81 20.55
C1 XYS D . -20.45 -22.29 -12.81
C2 XYS D . -20.32 -20.93 -12.12
C3 XYS D . -19.67 -21.14 -10.75
C4 XYS D . -20.55 -22.09 -9.93
C5 XYS D . -20.68 -23.40 -10.70
O1 XYS D . -21.05 -22.14 -14.05
O2 XYS D . -19.51 -20.07 -12.91
O3 XYS D . -19.57 -19.88 -10.09
O4 XYS D . -19.91 -22.34 -8.66
O5 XYS D . -21.26 -23.17 -12.01
C1 XYS D . -20.64 -22.94 -7.65
C2 XYS D . -19.74 -23.08 -6.41
C3 XYS D . -20.58 -23.67 -5.26
C4 XYS D . -21.76 -22.74 -4.99
C5 XYS D . -22.58 -22.63 -6.29
O2 XYS D . -18.67 -23.95 -6.70
O3 XYS D . -19.77 -23.74 -4.09
O4 XYS D . -22.59 -23.30 -3.96
O5 XYS D . -21.77 -22.10 -7.35
C1 XYS D . -23.47 -22.42 -3.32
C2 XYS D . -24.34 -23.16 -2.31
C3 XYS D . -25.29 -22.14 -1.68
C4 XYS D . -24.46 -21.05 -1.00
C5 XYS D . -23.56 -20.40 -2.06
O2 XYS D . -25.09 -24.16 -2.98
O3 XYS D . -26.11 -22.79 -0.71
O4 XYS D . -25.36 -20.04 -0.48
O5 XYS D . -22.71 -21.39 -2.67
C1 XYS D . -25.62 -19.95 0.88
C2 XYS D . -24.33 -19.69 1.66
C3 XYS D . -24.65 -19.52 3.14
C4 XYS D . -25.63 -18.36 3.29
C5 XYS D . -26.88 -18.67 2.48
O2 XYS D . -23.43 -20.77 1.49
O3 XYS D . -23.47 -19.26 3.88
O4 XYS D . -25.96 -18.19 4.66
O5 XYS D . -26.54 -18.86 1.08
C1 XYS E . 0.74 -32.11 -12.69
C2 XYS E . 0.96 -30.59 -12.61
C3 XYS E . -0.34 -29.91 -13.05
C4 XYS E . -0.67 -30.34 -14.47
C5 XYS E . -0.83 -31.86 -14.49
O1 XYS E . 1.91 -32.76 -12.34
O2 XYS E . 1.26 -30.23 -11.28
O3 XYS E . -0.15 -28.49 -13.01
O4 XYS E . -1.91 -29.72 -14.89
O5 XYS E . 0.39 -32.49 -14.04
C1 XYS E . -2.03 -29.29 -16.21
C2 XYS E . -1.93 -30.47 -17.19
C3 XYS E . -2.13 -29.95 -18.61
C4 XYS E . -3.51 -29.29 -18.69
C5 XYS E . -3.56 -28.14 -17.66
O2 XYS E . -0.64 -31.07 -17.10
O3 XYS E . -2.07 -31.03 -19.53
O4 XYS E . -3.74 -28.79 -20.00
O5 XYS E . -3.32 -28.66 -16.33
C1 XYS F . -12.92 -9.23 -19.37
C2 XYS F . -13.25 -8.02 -20.25
C3 XYS F . -12.03 -7.10 -20.31
C4 XYS F . -11.70 -6.67 -18.88
C5 XYS F . -11.43 -7.93 -18.04
O1 XYS F . -14.02 -10.06 -19.28
O2 XYS F . -13.61 -8.45 -21.55
O3 XYS F . -12.35 -5.96 -21.09
O4 XYS F . -10.53 -5.84 -18.84
O5 XYS F . -12.57 -8.80 -18.04
C1 XYS F . -10.70 -4.49 -18.54
C2 XYS F . -9.35 -3.81 -18.37
C3 XYS F . -9.56 -2.34 -18.01
C4 XYS F . -10.36 -1.67 -19.15
C5 XYS F . -11.68 -2.46 -19.31
O2 XYS F . -8.65 -4.47 -17.33
O3 XYS F . -8.29 -1.71 -17.87
O4 XYS F . -10.75 -0.33 -18.78
O5 XYS F . -11.44 -3.86 -19.59
C1 XYS F . -10.64 0.72 -19.68
C2 XYS F . -11.41 1.92 -19.11
C3 XYS F . -11.28 3.09 -20.06
C4 XYS F . -9.81 3.45 -20.20
C5 XYS F . -9.07 2.22 -20.77
O2 XYS F . -12.78 1.56 -19.02
O3 XYS F . -12.01 4.20 -19.55
O4 XYS F . -9.70 4.63 -21.04
O5 XYS F . -9.25 1.07 -19.87
C1 XYS F . -8.48 4.98 -21.63
C2 XYS F . -8.58 6.29 -22.46
C3 XYS F . -8.05 7.54 -21.68
C4 XYS F . -8.61 7.44 -20.30
C5 XYS F . -7.89 6.21 -19.66
O2 XYS F . -7.83 6.15 -23.67
O3 XYS F . -8.51 8.72 -22.32
O4 XYS F . -8.19 8.62 -19.57
O5 XYS F . -7.49 5.19 -20.64
C1 XYS F . -8.93 8.99 -18.45
C2 XYS F . -8.27 10.18 -17.73
C3 XYS F . -9.12 10.57 -16.53
C4 XYS F . -10.53 10.92 -17.02
C5 XYS F . -11.11 9.71 -17.75
O2 XYS F . -6.98 9.78 -17.28
O3 XYS F . -8.54 11.71 -15.91
O4 XYS F . -11.34 11.22 -15.90
O5 XYS F . -10.26 9.35 -18.87
C1 XYS G . 30.98 8.87 4.07
C2 XYS G . 31.08 7.40 4.48
C3 XYS G . 30.12 7.14 5.64
C4 XYS G . 30.52 8.07 6.79
C5 XYS G . 30.42 9.52 6.31
O1 XYS G . 31.87 9.14 3.04
O2 XYS G . 30.75 6.57 3.38
O3 XYS G . 30.22 5.79 6.06
O4 XYS G . 29.60 7.89 7.89
O5 XYS G . 31.31 9.72 5.18
C1 XYS G . 30.13 7.92 9.17
C2 XYS G . 29.02 7.75 10.21
C3 XYS G . 29.63 7.74 11.60
C4 XYS G . 30.63 6.58 11.68
C5 XYS G . 31.70 6.79 10.60
O2 XYS G . 28.10 8.82 10.09
O3 XYS G . 28.62 7.57 12.58
O4 XYS G . 31.24 6.57 12.97
O5 XYS G . 31.08 6.84 9.29
S SO4 H . -11.16 -39.70 -7.79
O1 SO4 H . -10.57 -40.13 -9.07
O2 SO4 H . -11.91 -40.81 -7.19
O3 SO4 H . -12.08 -38.56 -8.03
O4 SO4 H . -10.09 -39.27 -6.87
S SO4 I . -16.62 -10.73 6.63
O1 SO4 I . -15.88 -10.72 5.36
O2 SO4 I . -18.05 -11.01 6.35
O3 SO4 I . -16.50 -9.40 7.29
O4 SO4 I . -16.09 -11.77 7.52
C1 GOL J . 19.19 6.66 -9.60
O1 GOL J . 19.12 6.59 -8.18
C2 GOL J . 17.91 6.14 -10.23
O2 GOL J . 17.78 4.78 -9.86
C3 GOL J . 17.95 6.19 -11.74
O3 GOL J . 18.11 7.52 -12.21
C1 GOL K . 28.12 -14.42 11.93
O1 GOL K . 28.25 -13.14 12.55
C2 GOL K . 27.59 -14.28 10.51
O2 GOL K . 26.28 -13.72 10.62
C3 GOL K . 27.44 -15.62 9.82
O3 GOL K . 28.68 -16.29 9.72
C1 GOL L . -1.41 30.54 -27.16
O1 GOL L . -1.60 30.46 -25.75
C2 GOL L . -2.70 30.92 -27.87
O2 GOL L . -3.64 29.90 -27.60
C3 GOL L . -2.53 31.01 -29.37
O3 GOL L . -1.57 31.98 -29.73
#